data_3PYM
#
_entry.id   3PYM
#
_cell.length_a   121.834
_cell.length_b   131.052
_cell.length_c   96.685
_cell.angle_alpha   90.00
_cell.angle_beta   90.00
_cell.angle_gamma   90.00
#
_symmetry.space_group_name_H-M   'C 2 2 21'
#
loop_
_entity.id
_entity.type
_entity.pdbx_description
1 polymer 'Glyceraldehyde-3-phosphate dehydrogenase 3'
2 non-polymer NICOTINAMIDE-ADENINE-DINUCLEOTIDE
3 non-polymer MESO-ERYTHRITOL
4 non-polymer 'SODIUM ION'
5 water water
#
_entity_poly.entity_id   1
_entity_poly.type   'polypeptide(L)'
_entity_poly.pdbx_seq_one_letter_code
;MVRVAINGFGRIGRLVMRIALSRPNVEVVALNDPFITNDYAAYMFKYDSTHGRYAGEVSHDDKHIIVDGKKIATYQERDP
ANLPWGSSNVDIAIDSTGVFKELDTAQKHIDAGAKKVVITAPSSTAPMFVMGVNEEKYTSDLKIVSNASCTTNCLAPLAK
VINDAFGIEEGLMTTVHSLTATQKTVDGPSHKDWRGGRTASGNIIPSSTGAAKAVGKVLPELQGKLTGMAFRVPTVDVSV
VDLTVKLNKETTYDEIKKVVKAAAEGKLKGVLGYTEDAVVSSDFLGDSHSSIFDASAGIQLSPKFVKLVSWYDNEYGYST
RVVDLVEHVAKA
;
_entity_poly.pdbx_strand_id   A,B
#
# COMPACT_ATOMS: atom_id res chain seq x y z
N MET A 1 -30.78 11.45 -4.84
CA MET A 1 -30.63 10.29 -3.96
C MET A 1 -29.62 10.39 -2.79
N VAL A 2 -28.62 11.31 -2.78
CA VAL A 2 -28.29 12.27 -3.83
C VAL A 2 -27.62 11.57 -5.02
N ARG A 3 -28.01 11.93 -6.24
CA ARG A 3 -27.45 11.31 -7.45
C ARG A 3 -26.32 12.20 -7.92
N VAL A 4 -25.14 11.62 -8.17
CA VAL A 4 -24.03 12.43 -8.60
C VAL A 4 -23.46 11.90 -9.91
N ALA A 5 -22.66 12.72 -10.57
CA ALA A 5 -21.92 12.29 -11.74
C ALA A 5 -20.51 12.83 -11.54
N ILE A 6 -19.52 12.12 -12.03
CA ILE A 6 -18.14 12.54 -11.87
C ILE A 6 -17.57 12.95 -13.24
N ASN A 7 -17.02 14.16 -13.35
CA ASN A 7 -16.32 14.62 -14.55
C ASN A 7 -14.80 14.53 -14.33
N GLY A 8 -14.11 13.71 -15.12
CA GLY A 8 -12.67 13.57 -14.95
C GLY A 8 -12.46 12.29 -14.09
N PHE A 9 -11.78 11.30 -14.63
CA PHE A 9 -11.61 10.03 -13.92
C PHE A 9 -10.12 9.84 -13.63
N GLY A 10 -9.51 10.87 -13.05
CA GLY A 10 -8.10 10.82 -12.63
C GLY A 10 -7.98 10.36 -11.20
N ARG A 11 -6.92 10.77 -10.51
CA ARG A 11 -6.69 10.26 -9.14
C ARG A 11 -7.91 10.61 -8.24
N ILE A 12 -8.31 11.86 -8.27
CA ILE A 12 -9.42 12.31 -7.42
C ILE A 12 -10.77 11.69 -7.89
N GLY A 13 -11.06 11.75 -9.20
CA GLY A 13 -12.30 11.15 -9.71
C GLY A 13 -12.47 9.67 -9.34
N ARG A 14 -11.41 8.86 -9.48
CA ARG A 14 -11.53 7.43 -9.21
C ARG A 14 -11.67 7.15 -7.75
N LEU A 15 -11.02 7.93 -6.89
CA LEU A 15 -11.10 7.70 -5.45
C LEU A 15 -12.40 8.25 -4.89
N VAL A 16 -12.82 9.41 -5.42
CA VAL A 16 -14.15 9.92 -5.08
C VAL A 16 -15.18 8.86 -5.43
N MET A 17 -15.01 8.19 -6.56
CA MET A 17 -15.95 7.13 -6.92
C MET A 17 -15.90 5.94 -5.94
N ARG A 18 -14.70 5.47 -5.57
CA ARG A 18 -14.59 4.40 -4.57
C ARG A 18 -15.34 4.76 -3.30
N ILE A 19 -15.10 5.96 -2.80
CA ILE A 19 -15.70 6.39 -1.52
C ILE A 19 -17.23 6.56 -1.66
N ALA A 20 -17.65 7.18 -2.75
CA ALA A 20 -19.07 7.45 -2.98
C ALA A 20 -19.85 6.15 -3.05
N LEU A 21 -19.26 5.13 -3.69
CA LEU A 21 -19.92 3.83 -3.86
C LEU A 21 -20.12 3.20 -2.52
N SER A 22 -19.30 3.59 -1.55
CA SER A 22 -19.47 3.03 -0.23
C SER A 22 -20.44 3.85 0.65
N ARG A 23 -20.79 5.07 0.28
CA ARG A 23 -21.78 5.83 1.05
C ARG A 23 -23.19 5.41 0.71
N PRO A 24 -23.95 4.98 1.72
CA PRO A 24 -25.30 4.49 1.39
C PRO A 24 -26.21 5.53 0.68
N ASN A 25 -26.12 6.81 1.02
CA ASN A 25 -27.09 7.76 0.46
C ASN A 25 -26.58 8.54 -0.77
N VAL A 26 -25.47 8.08 -1.34
CA VAL A 26 -24.91 8.68 -2.56
C VAL A 26 -25.00 7.67 -3.71
N GLU A 27 -25.58 8.08 -4.84
CA GLU A 27 -25.73 7.16 -5.96
C GLU A 27 -24.88 7.70 -7.09
N VAL A 28 -23.91 6.92 -7.54
CA VAL A 28 -23.03 7.38 -8.60
C VAL A 28 -23.67 7.04 -9.93
N VAL A 29 -24.18 8.05 -10.62
CA VAL A 29 -25.01 7.80 -11.80
C VAL A 29 -24.16 7.69 -13.07
N ALA A 30 -23.12 8.49 -13.20
CA ALA A 30 -22.34 8.50 -14.44
C ALA A 30 -20.93 9.05 -14.20
N LEU A 31 -20.05 8.79 -15.16
CA LEU A 31 -18.77 9.45 -15.25
C LEU A 31 -18.48 9.86 -16.69
N ASN A 32 -17.74 10.94 -16.81
CA ASN A 32 -17.32 11.44 -18.10
C ASN A 32 -15.82 11.55 -18.11
N ASP A 33 -15.15 10.98 -19.13
CA ASP A 33 -13.74 11.30 -19.32
C ASP A 33 -13.43 11.04 -20.80
N PRO A 34 -13.13 12.11 -21.57
CA PRO A 34 -12.88 11.97 -23.00
C PRO A 34 -11.61 11.17 -23.30
N PHE A 35 -10.69 11.09 -22.35
CA PHE A 35 -9.40 10.48 -22.64
C PHE A 35 -9.34 8.98 -22.36
N ILE A 36 -10.49 8.35 -22.08
CA ILE A 36 -10.46 6.91 -21.84
C ILE A 36 -11.78 6.20 -22.07
N THR A 37 -11.67 5.05 -22.71
CA THR A 37 -12.80 4.23 -23.05
C THR A 37 -13.38 3.48 -21.86
N ASN A 38 -14.47 2.80 -22.13
CA ASN A 38 -15.24 2.18 -21.07
C ASN A 38 -14.47 0.97 -20.46
N ASP A 39 -13.90 0.12 -21.30
CA ASP A 39 -13.16 -1.02 -20.76
C ASP A 39 -11.89 -0.54 -20.02
N TYR A 40 -11.28 0.51 -20.51
CA TYR A 40 -10.10 1.05 -19.84
C TYR A 40 -10.46 1.66 -18.48
N ALA A 41 -11.62 2.31 -18.43
CA ALA A 41 -12.07 2.95 -17.20
C ALA A 41 -12.21 1.90 -16.11
N ALA A 42 -12.76 0.75 -16.47
CA ALA A 42 -12.97 -0.33 -15.50
C ALA A 42 -11.62 -0.86 -15.03
N TYR A 43 -10.65 -0.98 -15.93
CA TYR A 43 -9.29 -1.34 -15.50
C TYR A 43 -8.65 -0.32 -14.53
N MET A 44 -8.82 0.99 -14.80
CA MET A 44 -8.15 2.01 -13.99
C MET A 44 -8.81 2.04 -12.63
N PHE A 45 -10.10 1.74 -12.61
CA PHE A 45 -10.82 1.78 -11.36
C PHE A 45 -10.48 0.57 -10.49
N LYS A 46 -10.37 -0.59 -11.12
CA LYS A 46 -10.08 -1.84 -10.41
C LYS A 46 -8.68 -1.86 -9.79
N TYR A 47 -7.67 -1.49 -10.57
CA TYR A 47 -6.30 -1.58 -10.10
C TYR A 47 -5.74 -0.21 -9.73
N ASP A 48 -5.12 -0.12 -8.56
CA ASP A 48 -4.56 1.15 -8.07
C ASP A 48 -3.21 0.91 -7.40
N SER A 49 -2.16 1.54 -7.91
CA SER A 49 -0.81 1.27 -7.44
C SER A 49 -0.66 1.76 -5.99
N THR A 50 -1.44 2.75 -5.58
CA THR A 50 -1.27 3.38 -4.28
C THR A 50 -2.23 2.82 -3.24
N HIS A 51 -3.47 2.63 -3.64
CA HIS A 51 -4.52 2.26 -2.70
C HIS A 51 -5.02 0.83 -2.88
N GLY A 52 -4.34 0.03 -3.69
CA GLY A 52 -4.66 -1.40 -3.84
C GLY A 52 -5.89 -1.68 -4.73
N ARG A 53 -6.14 -2.96 -4.96
CA ARG A 53 -7.26 -3.34 -5.83
C ARG A 53 -8.59 -3.02 -5.20
N TYR A 54 -9.55 -2.64 -6.01
CA TYR A 54 -10.89 -2.35 -5.50
C TYR A 54 -11.40 -3.65 -4.84
N ALA A 55 -11.99 -3.50 -3.66
CA ALA A 55 -12.52 -4.66 -2.94
C ALA A 55 -13.98 -4.78 -3.35
N GLY A 56 -14.21 -5.45 -4.47
CA GLY A 56 -15.54 -5.56 -5.07
C GLY A 56 -15.34 -6.01 -6.50
N GLU A 57 -16.40 -6.47 -7.15
CA GLU A 57 -16.32 -6.98 -8.50
C GLU A 57 -16.43 -5.85 -9.49
N VAL A 58 -15.49 -5.74 -10.43
CA VAL A 58 -15.55 -4.69 -11.43
C VAL A 58 -15.59 -5.34 -12.81
N SER A 59 -16.53 -4.91 -13.64
CA SER A 59 -16.61 -5.40 -15.00
C SER A 59 -17.11 -4.25 -15.84
N HIS A 60 -17.44 -4.51 -17.10
CA HIS A 60 -18.05 -3.49 -17.95
C HIS A 60 -18.95 -4.13 -19.00
N ASP A 61 -19.81 -3.32 -19.61
CA ASP A 61 -20.53 -3.75 -20.81
C ASP A 61 -20.32 -2.64 -21.81
N ASP A 62 -21.14 -2.60 -22.84
CA ASP A 62 -20.95 -1.62 -23.91
C ASP A 62 -20.78 -0.19 -23.41
N LYS A 63 -21.74 0.28 -22.61
CA LYS A 63 -21.83 1.69 -22.24
C LYS A 63 -21.71 2.01 -20.74
N HIS A 64 -21.28 1.04 -19.93
CA HIS A 64 -21.20 1.23 -18.49
C HIS A 64 -20.00 0.54 -17.94
N ILE A 65 -19.56 0.99 -16.78
CA ILE A 65 -18.72 0.13 -15.97
C ILE A 65 -19.65 -0.36 -14.88
N ILE A 66 -19.35 -1.52 -14.34
CA ILE A 66 -20.24 -2.16 -13.41
C ILE A 66 -19.46 -2.55 -12.18
N VAL A 67 -19.95 -2.18 -11.01
CA VAL A 67 -19.20 -2.40 -9.79
C VAL A 67 -20.16 -3.00 -8.78
N ASP A 68 -19.95 -4.27 -8.47
CA ASP A 68 -20.79 -4.97 -7.53
C ASP A 68 -22.27 -4.80 -7.93
N GLY A 69 -22.54 -4.92 -9.22
CA GLY A 69 -23.92 -4.87 -9.71
C GLY A 69 -24.43 -3.49 -10.10
N LYS A 70 -23.83 -2.44 -9.54
CA LYS A 70 -24.22 -1.07 -9.88
C LYS A 70 -23.66 -0.69 -11.24
N LYS A 71 -24.52 -0.31 -12.18
CA LYS A 71 -24.09 0.17 -13.49
C LYS A 71 -23.89 1.68 -13.45
N ILE A 72 -22.71 2.13 -13.89
CA ILE A 72 -22.38 3.57 -13.96
C ILE A 72 -22.17 3.94 -15.42
N ALA A 73 -23.01 4.81 -15.97
CA ALA A 73 -22.94 5.15 -17.40
C ALA A 73 -21.68 5.96 -17.66
N THR A 74 -20.99 5.67 -18.76
CA THR A 74 -19.80 6.44 -19.11
C THR A 74 -20.03 7.30 -20.34
N TYR A 75 -19.27 8.40 -20.40
CA TYR A 75 -19.37 9.35 -21.50
C TYR A 75 -17.97 9.84 -21.80
N GLN A 76 -17.82 10.48 -22.96
CA GLN A 76 -16.51 10.94 -23.39
C GLN A 76 -16.57 12.33 -24.02
N GLU A 77 -17.36 13.25 -23.44
CA GLU A 77 -17.43 14.63 -23.95
C GLU A 77 -16.27 15.50 -23.45
N ARG A 78 -15.62 16.19 -24.39
CA ARG A 78 -14.58 17.16 -24.06
C ARG A 78 -15.27 18.39 -23.48
N ASP A 79 -16.47 18.66 -23.96
CA ASP A 79 -17.21 19.83 -23.53
C ASP A 79 -18.38 19.38 -22.66
N PRO A 80 -18.27 19.62 -21.35
CA PRO A 80 -19.27 19.09 -20.43
C PRO A 80 -20.67 19.64 -20.65
N ALA A 81 -20.83 20.73 -21.38
CA ALA A 81 -22.18 21.24 -21.67
C ALA A 81 -23.03 20.26 -22.49
N ASN A 82 -22.37 19.35 -23.18
CA ASN A 82 -23.05 18.32 -23.99
C ASN A 82 -23.44 17.04 -23.23
N LEU A 83 -23.24 17.01 -21.91
CA LEU A 83 -23.58 15.81 -21.13
C LEU A 83 -25.07 15.71 -20.81
N PRO A 84 -25.59 14.47 -20.66
CA PRO A 84 -27.02 14.29 -20.42
C PRO A 84 -27.40 14.36 -18.93
N TRP A 85 -26.94 15.40 -18.20
CA TRP A 85 -27.15 15.48 -16.76
C TRP A 85 -28.63 15.71 -16.40
N GLY A 86 -29.38 16.39 -17.26
CA GLY A 86 -30.81 16.54 -17.04
C GLY A 86 -31.60 15.24 -17.15
N SER A 87 -31.40 14.50 -18.22
CA SER A 87 -32.20 13.30 -18.40
C SER A 87 -31.67 12.19 -17.49
N SER A 88 -30.43 12.29 -17.05
CA SER A 88 -29.93 11.36 -16.01
C SER A 88 -30.31 11.79 -14.59
N ASN A 89 -31.01 12.91 -14.44
CA ASN A 89 -31.46 13.34 -13.13
C ASN A 89 -30.28 13.45 -12.14
N VAL A 90 -29.21 14.13 -12.56
CA VAL A 90 -28.05 14.36 -11.71
C VAL A 90 -28.28 15.54 -10.78
N ASP A 91 -28.20 15.32 -9.46
CA ASP A 91 -28.32 16.42 -8.50
C ASP A 91 -27.02 17.20 -8.40
N ILE A 92 -25.89 16.49 -8.31
CA ILE A 92 -24.61 17.16 -8.14
C ILE A 92 -23.59 16.56 -9.09
N ALA A 93 -23.05 17.41 -9.95
CA ALA A 93 -21.93 17.00 -10.76
C ALA A 93 -20.62 17.35 -10.01
N ILE A 94 -19.72 16.40 -9.90
CA ILE A 94 -18.45 16.62 -9.22
C ILE A 94 -17.38 16.82 -10.27
N ASP A 95 -16.84 18.03 -10.38
CA ASP A 95 -15.83 18.23 -11.39
C ASP A 95 -14.43 18.08 -10.86
N SER A 96 -13.80 16.97 -11.24
CA SER A 96 -12.46 16.64 -10.81
C SER A 96 -11.43 16.66 -11.99
N THR A 97 -11.69 17.46 -13.03
CA THR A 97 -10.80 17.55 -14.19
C THR A 97 -9.67 18.57 -13.94
N GLY A 98 -9.89 19.49 -13.02
CA GLY A 98 -8.97 20.58 -12.81
C GLY A 98 -9.01 21.62 -13.93
N VAL A 99 -10.06 21.55 -14.73
CA VAL A 99 -10.15 22.34 -15.95
C VAL A 99 -11.42 23.20 -16.03
N PHE A 100 -12.44 22.88 -15.24
CA PHE A 100 -13.67 23.64 -15.24
C PHE A 100 -13.90 24.20 -13.84
N LYS A 101 -12.98 25.06 -13.40
CA LYS A 101 -12.89 25.38 -11.96
C LYS A 101 -13.36 26.80 -11.62
N GLU A 102 -13.93 27.50 -12.58
CA GLU A 102 -14.46 28.83 -12.34
C GLU A 102 -15.98 28.82 -12.46
N LEU A 103 -16.64 29.84 -11.93
CA LEU A 103 -18.09 29.94 -12.02
C LEU A 103 -18.57 29.84 -13.46
N ASP A 104 -17.90 30.55 -14.35
CA ASP A 104 -18.41 30.65 -15.71
C ASP A 104 -18.13 29.39 -16.52
N THR A 105 -17.24 28.53 -16.06
CA THR A 105 -16.97 27.28 -16.79
C THR A 105 -17.61 26.04 -16.14
N ALA A 106 -17.64 26.01 -14.81
CA ALA A 106 -18.38 24.98 -14.11
C ALA A 106 -19.87 25.08 -14.44
N GLN A 107 -20.28 26.28 -14.83
CA GLN A 107 -21.66 26.53 -15.19
C GLN A 107 -22.10 25.57 -16.26
N LYS A 108 -21.18 25.10 -17.09
CA LYS A 108 -21.53 24.13 -18.14
C LYS A 108 -22.29 22.87 -17.65
N HIS A 109 -21.95 22.35 -16.47
CA HIS A 109 -22.70 21.22 -15.90
C HIS A 109 -24.14 21.56 -15.54
N ILE A 110 -24.38 22.79 -15.12
CA ILE A 110 -25.73 23.20 -14.81
C ILE A 110 -26.48 23.40 -16.11
N ASP A 111 -25.82 23.97 -17.10
CA ASP A 111 -26.43 24.07 -18.44
C ASP A 111 -26.81 22.68 -18.99
N ALA A 112 -25.96 21.69 -18.72
CA ALA A 112 -26.20 20.33 -19.15
C ALA A 112 -27.31 19.66 -18.33
N GLY A 113 -27.76 20.32 -17.28
CA GLY A 113 -28.91 19.85 -16.51
C GLY A 113 -28.64 19.39 -15.08
N ALA A 114 -27.41 19.45 -14.58
CA ALA A 114 -27.17 19.16 -13.17
C ALA A 114 -27.67 20.31 -12.34
N LYS A 115 -28.09 20.02 -11.11
CA LYS A 115 -28.61 21.08 -10.24
C LYS A 115 -27.51 21.86 -9.51
N LYS A 116 -26.44 21.19 -9.14
CA LYS A 116 -25.34 21.88 -8.47
C LYS A 116 -24.01 21.25 -8.93
N VAL A 117 -22.90 21.95 -8.66
CA VAL A 117 -21.59 21.48 -9.05
C VAL A 117 -20.66 21.66 -7.83
N VAL A 118 -19.85 20.65 -7.58
CA VAL A 118 -18.77 20.71 -6.61
C VAL A 118 -17.47 20.57 -7.38
N ILE A 119 -16.62 21.59 -7.30
CA ILE A 119 -15.34 21.63 -7.99
C ILE A 119 -14.26 21.09 -7.02
N THR A 120 -13.49 20.08 -7.43
CA THR A 120 -12.48 19.46 -6.56
C THR A 120 -11.11 20.12 -6.66
N ALA A 121 -11.10 21.45 -6.57
CA ALA A 121 -9.90 22.27 -6.70
C ALA A 121 -10.26 23.70 -6.22
N PRO A 122 -9.24 24.45 -5.79
CA PRO A 122 -9.44 25.88 -5.49
C PRO A 122 -9.99 26.61 -6.70
N SER A 123 -10.72 27.69 -6.45
CA SER A 123 -11.31 28.48 -7.51
C SER A 123 -11.12 29.94 -7.17
N SER A 124 -10.91 30.79 -8.16
CA SER A 124 -10.84 32.22 -7.90
C SER A 124 -12.22 32.84 -7.73
N THR A 125 -13.26 32.21 -8.26
CA THR A 125 -14.59 32.82 -8.24
C THR A 125 -15.65 31.99 -7.53
N ALA A 126 -15.56 30.66 -7.54
CA ALA A 126 -16.56 29.85 -6.83
C ALA A 126 -16.25 29.90 -5.32
N PRO A 127 -17.29 30.03 -4.48
CA PRO A 127 -17.06 30.05 -3.04
C PRO A 127 -16.46 28.72 -2.56
N MET A 128 -15.47 28.82 -1.68
CA MET A 128 -14.77 27.63 -1.19
C MET A 128 -15.25 27.23 0.19
N PHE A 129 -15.33 25.91 0.42
CA PHE A 129 -15.74 25.33 1.69
C PHE A 129 -14.79 24.24 2.11
N VAL A 130 -14.50 24.21 3.40
CA VAL A 130 -13.67 23.17 3.99
C VAL A 130 -14.45 22.58 5.17
N MET A 131 -14.75 21.28 5.09
CA MET A 131 -15.46 20.59 6.16
C MET A 131 -14.73 20.79 7.48
N GLY A 132 -15.49 21.14 8.52
CA GLY A 132 -14.92 21.36 9.82
C GLY A 132 -14.48 22.80 10.02
N VAL A 133 -14.41 23.56 8.94
CA VAL A 133 -13.94 24.92 9.02
C VAL A 133 -15.08 25.91 8.73
N ASN A 134 -15.74 25.79 7.58
CA ASN A 134 -16.79 26.78 7.24
C ASN A 134 -17.93 26.19 6.45
N GLU A 135 -18.11 24.86 6.52
CA GLU A 135 -19.19 24.25 5.72
C GLU A 135 -20.54 24.79 6.20
N GLU A 136 -20.64 25.08 7.49
CA GLU A 136 -21.87 25.71 8.00
C GLU A 136 -22.23 27.02 7.28
N LYS A 137 -21.29 27.63 6.58
CA LYS A 137 -21.57 28.87 5.84
C LYS A 137 -22.25 28.58 4.50
N TYR A 138 -22.28 27.31 4.10
CA TYR A 138 -22.94 26.97 2.85
C TYR A 138 -24.45 27.23 2.96
N THR A 139 -24.98 27.90 1.96
CA THR A 139 -26.43 28.03 1.86
C THR A 139 -26.92 27.52 0.51
N SER A 140 -28.17 27.08 0.49
CA SER A 140 -28.74 26.31 -0.59
C SER A 140 -28.83 27.05 -1.94
N ASP A 141 -28.84 28.38 -1.92
CA ASP A 141 -28.83 29.17 -3.15
C ASP A 141 -27.51 29.10 -3.93
N LEU A 142 -26.41 28.69 -3.29
CA LEU A 142 -25.15 28.49 -4.02
C LEU A 142 -25.15 27.18 -4.81
N LYS A 143 -25.05 27.28 -6.14
CA LYS A 143 -25.18 26.10 -6.99
C LYS A 143 -23.83 25.59 -7.46
N ILE A 144 -22.79 26.40 -7.30
CA ILE A 144 -21.46 25.99 -7.72
C ILE A 144 -20.48 26.32 -6.59
N VAL A 145 -19.81 25.31 -6.03
CA VAL A 145 -18.90 25.52 -4.91
C VAL A 145 -17.57 24.80 -5.13
N SER A 146 -16.55 25.17 -4.35
CA SER A 146 -15.22 24.56 -4.46
C SER A 146 -14.90 23.92 -3.12
N ASN A 147 -14.27 22.76 -3.14
CA ASN A 147 -13.79 22.13 -1.93
C ASN A 147 -12.33 22.50 -1.60
N ALA A 148 -11.85 23.59 -2.18
CA ALA A 148 -10.46 24.03 -1.97
C ALA A 148 -9.44 22.95 -2.44
N SER A 149 -8.25 22.92 -1.84
CA SER A 149 -7.20 21.95 -2.21
C SER A 149 -6.91 21.04 -1.03
N CYS A 150 -6.13 19.97 -1.24
CA CYS A 150 -5.76 19.05 -0.17
C CYS A 150 -4.94 19.78 0.87
N THR A 151 -4.04 20.64 0.43
CA THR A 151 -3.21 21.35 1.39
C THR A 151 -4.02 22.31 2.25
N THR A 152 -4.93 23.05 1.65
CA THR A 152 -5.81 23.92 2.44
C THR A 152 -6.70 23.11 3.42
N ASN A 153 -7.24 21.97 3.00
CA ASN A 153 -7.97 21.08 3.92
C ASN A 153 -7.11 20.59 5.10
N CYS A 154 -5.81 20.45 4.89
CA CYS A 154 -4.93 20.03 5.98
C CYS A 154 -4.68 21.22 6.90
N LEU A 155 -4.39 22.38 6.31
CA LEU A 155 -3.94 23.53 7.11
C LEU A 155 -5.09 24.26 7.85
N ALA A 156 -6.24 24.41 7.20
CA ALA A 156 -7.32 25.23 7.78
C ALA A 156 -7.87 24.69 9.12
N PRO A 157 -8.17 23.39 9.20
CA PRO A 157 -8.71 22.96 10.51
C PRO A 157 -7.71 23.15 11.68
N LEU A 158 -6.44 22.86 11.44
CA LEU A 158 -5.41 23.08 12.45
C LEU A 158 -5.28 24.58 12.77
N ALA A 159 -5.25 25.42 11.73
CA ALA A 159 -5.11 26.86 11.89
C ALA A 159 -6.29 27.41 12.70
N LYS A 160 -7.48 26.87 12.47
CA LYS A 160 -8.68 27.31 13.18
C LYS A 160 -8.56 26.99 14.67
N VAL A 161 -8.11 25.78 14.96
CA VAL A 161 -7.98 25.34 16.34
C VAL A 161 -6.97 26.19 17.08
N ILE A 162 -5.85 26.49 16.43
CA ILE A 162 -4.75 27.21 17.05
C ILE A 162 -5.16 28.67 17.20
N ASN A 163 -5.73 29.25 16.16
CA ASN A 163 -6.19 30.62 16.22
C ASN A 163 -7.27 30.83 17.30
N ASP A 164 -8.20 29.89 17.43
CA ASP A 164 -9.29 30.05 18.39
C ASP A 164 -8.72 30.03 19.81
N ALA A 165 -7.71 29.21 20.05
CA ALA A 165 -7.19 29.00 21.39
C ALA A 165 -6.09 30.00 21.76
N PHE A 166 -5.24 30.35 20.81
CA PHE A 166 -4.06 31.13 21.16
C PHE A 166 -3.91 32.39 20.35
N GLY A 167 -4.65 32.49 19.24
CA GLY A 167 -4.57 33.62 18.31
C GLY A 167 -3.33 33.45 17.42
N ILE A 168 -3.51 33.40 16.11
CA ILE A 168 -2.39 33.42 15.18
C ILE A 168 -2.10 34.85 14.77
N GLU A 169 -0.94 35.37 15.13
CA GLU A 169 -0.54 36.68 14.65
C GLU A 169 -0.18 36.60 13.16
N GLU A 170 0.74 35.70 12.82
CA GLU A 170 1.09 35.40 11.42
C GLU A 170 1.62 33.98 11.35
N GLY A 171 1.70 33.43 10.16
CA GLY A 171 2.26 32.08 10.03
C GLY A 171 2.80 31.81 8.65
N LEU A 172 3.88 31.04 8.61
CA LEU A 172 4.50 30.64 7.35
C LEU A 172 4.54 29.12 7.29
N MET A 173 4.14 28.57 6.16
CA MET A 173 3.89 27.16 6.07
C MET A 173 4.78 26.56 4.99
N THR A 174 5.28 25.37 5.24
CA THR A 174 5.89 24.58 4.17
C THR A 174 5.13 23.26 4.07
N THR A 175 4.78 22.80 2.87
CA THR A 175 4.28 21.44 2.76
C THR A 175 5.31 20.60 2.01
N VAL A 176 5.66 19.46 2.59
CA VAL A 176 6.53 18.51 1.95
C VAL A 176 5.55 17.54 1.33
N HIS A 177 5.50 17.54 0.00
CA HIS A 177 4.31 17.04 -0.68
C HIS A 177 4.72 15.89 -1.59
N SER A 178 3.92 14.83 -1.62
CA SER A 178 4.17 13.73 -2.52
C SER A 178 4.07 14.15 -3.99
N LEU A 179 4.66 13.38 -4.89
CA LEU A 179 4.58 13.77 -6.30
C LEU A 179 3.13 13.71 -6.85
N THR A 180 2.87 14.45 -7.92
CA THR A 180 1.53 14.40 -8.48
C THR A 180 1.57 14.26 -9.99
N ALA A 181 0.38 14.10 -10.55
CA ALA A 181 0.19 13.80 -11.97
C ALA A 181 0.73 14.91 -12.89
N THR A 182 0.86 16.13 -12.40
CA THR A 182 1.36 17.22 -13.26
C THR A 182 2.87 17.10 -13.46
N GLN A 183 3.54 16.29 -12.64
CA GLN A 183 5.00 16.14 -12.70
C GLN A 183 5.47 15.17 -13.80
N LYS A 184 6.78 15.10 -14.04
CA LYS A 184 7.37 14.35 -15.17
C LYS A 184 8.28 13.26 -14.68
N THR A 185 8.30 12.10 -15.38
CA THR A 185 9.12 10.97 -14.90
C THR A 185 10.62 11.20 -15.10
N VAL A 186 10.99 11.89 -16.17
CA VAL A 186 12.36 12.33 -16.42
C VAL A 186 12.29 13.76 -16.95
N ASP A 187 13.36 14.54 -16.81
CA ASP A 187 13.33 15.97 -17.18
C ASP A 187 12.56 16.16 -18.50
N GLY A 188 11.44 16.87 -18.46
CA GLY A 188 10.73 17.24 -19.69
C GLY A 188 10.02 18.60 -19.61
N PRO A 189 9.30 18.97 -20.68
CA PRO A 189 8.74 20.33 -20.77
C PRO A 189 7.58 20.59 -19.84
N SER A 190 7.67 21.73 -19.16
CA SER A 190 6.68 22.17 -18.22
C SER A 190 6.78 23.71 -18.18
N HIS A 191 6.40 24.35 -19.29
CA HIS A 191 6.73 25.75 -19.51
C HIS A 191 6.09 26.66 -18.49
N LYS A 192 5.04 26.22 -17.81
CA LYS A 192 4.38 27.08 -16.79
C LYS A 192 5.00 26.91 -15.40
N ASP A 193 5.86 25.92 -15.24
CA ASP A 193 6.42 25.56 -13.93
C ASP A 193 7.72 24.80 -14.21
N TRP A 194 8.78 25.56 -14.43
CA TRP A 194 10.01 24.94 -14.92
C TRP A 194 10.53 23.90 -13.91
N ARG A 195 10.53 24.21 -12.62
CA ARG A 195 11.08 23.23 -11.66
C ARG A 195 10.21 21.99 -11.72
N GLY A 196 8.91 22.18 -11.92
CA GLY A 196 7.96 21.08 -12.02
C GLY A 196 8.16 20.12 -13.22
N GLY A 197 8.97 20.52 -14.20
CA GLY A 197 9.30 19.60 -15.27
C GLY A 197 10.42 18.61 -14.97
N ARG A 198 11.12 18.77 -13.84
CA ARG A 198 12.38 18.01 -13.62
C ARG A 198 12.07 16.63 -13.06
N THR A 199 12.94 15.65 -13.31
CA THR A 199 12.70 14.25 -12.89
C THR A 199 12.04 14.17 -11.53
N ALA A 200 10.80 13.66 -11.46
CA ALA A 200 10.03 13.75 -10.24
C ALA A 200 10.59 12.87 -9.13
N SER A 201 10.98 11.64 -9.45
CA SER A 201 11.37 10.68 -8.40
C SER A 201 12.84 10.79 -8.05
N GLY A 202 13.58 11.70 -8.70
CA GLY A 202 14.97 11.92 -8.37
C GLY A 202 15.31 13.32 -7.86
N ASN A 203 14.34 14.08 -7.37
CA ASN A 203 14.60 15.44 -6.93
C ASN A 203 13.71 15.86 -5.80
N ILE A 204 14.21 16.78 -4.98
CA ILE A 204 13.38 17.65 -4.15
C ILE A 204 13.09 18.90 -5.02
N ILE A 205 11.81 19.24 -5.17
CA ILE A 205 11.42 20.26 -6.15
C ILE A 205 10.59 21.37 -5.46
N PRO A 206 11.18 22.56 -5.27
CA PRO A 206 10.38 23.66 -4.69
C PRO A 206 9.20 23.97 -5.58
N SER A 207 8.10 24.41 -5.00
CA SER A 207 6.97 24.90 -5.81
C SER A 207 6.25 25.96 -5.03
N SER A 208 5.65 26.88 -5.74
CA SER A 208 4.81 27.85 -5.05
C SER A 208 3.46 27.17 -4.81
N THR A 209 2.71 27.66 -3.83
CA THR A 209 1.36 27.17 -3.58
C THR A 209 0.52 28.32 -2.99
N GLY A 210 -0.76 28.38 -3.36
CA GLY A 210 -1.65 29.41 -2.83
C GLY A 210 -2.44 28.86 -1.64
N ALA A 211 -2.12 27.64 -1.22
CA ALA A 211 -2.95 26.93 -0.28
C ALA A 211 -2.99 27.65 1.07
N ALA A 212 -1.89 28.25 1.49
CA ALA A 212 -1.87 28.84 2.83
C ALA A 212 -2.60 30.17 2.81
N LYS A 213 -2.41 30.93 1.75
CA LYS A 213 -3.20 32.15 1.59
C LYS A 213 -4.71 31.84 1.52
N ALA A 214 -5.09 30.78 0.82
CA ALA A 214 -6.50 30.43 0.65
C ALA A 214 -7.23 30.10 1.99
N VAL A 215 -6.47 29.82 3.03
CA VAL A 215 -7.05 29.58 4.34
C VAL A 215 -7.81 30.83 4.76
N GLY A 216 -7.29 31.99 4.33
CA GLY A 216 -7.93 33.26 4.60
C GLY A 216 -9.28 33.44 3.92
N LYS A 217 -9.57 32.65 2.90
CA LYS A 217 -10.87 32.68 2.26
C LYS A 217 -11.90 31.85 3.02
N VAL A 218 -11.46 30.81 3.74
CA VAL A 218 -12.44 29.97 4.45
C VAL A 218 -12.52 30.36 5.93
N LEU A 219 -11.50 31.10 6.38
CA LEU A 219 -11.42 31.69 7.72
C LEU A 219 -11.05 33.17 7.54
N PRO A 220 -12.05 34.04 7.39
CA PRO A 220 -11.73 35.43 7.06
C PRO A 220 -10.86 36.11 8.11
N GLU A 221 -10.91 35.63 9.34
CA GLU A 221 -10.13 36.24 10.41
C GLU A 221 -8.64 36.06 10.21
N LEU A 222 -8.26 35.14 9.31
CA LEU A 222 -6.84 34.90 9.02
C LEU A 222 -6.44 35.45 7.66
N GLN A 223 -7.32 36.21 7.03
CA GLN A 223 -6.99 36.84 5.76
C GLN A 223 -5.68 37.62 5.93
N GLY A 224 -4.75 37.41 5.00
CA GLY A 224 -3.45 38.08 5.05
C GLY A 224 -2.48 37.64 6.13
N LYS A 225 -2.80 36.61 6.92
CA LYS A 225 -1.94 36.23 8.02
C LYS A 225 -1.10 34.98 7.73
N LEU A 226 -1.34 34.34 6.58
CA LEU A 226 -0.66 33.06 6.29
C LEU A 226 -0.16 33.03 4.86
N THR A 227 1.04 32.50 4.66
CA THR A 227 1.43 32.13 3.31
C THR A 227 2.41 30.96 3.39
N GLY A 228 2.94 30.51 2.27
CA GLY A 228 3.78 29.29 2.37
C GLY A 228 4.26 28.87 1.01
N MET A 229 4.93 27.74 0.98
CA MET A 229 5.54 27.21 -0.23
C MET A 229 5.55 25.70 -0.04
N ALA A 230 6.06 24.98 -1.01
CA ALA A 230 6.01 23.49 -1.01
C ALA A 230 7.31 22.93 -1.50
N PHE A 231 7.63 21.71 -1.09
CA PHE A 231 8.70 20.97 -1.73
C PHE A 231 8.10 19.66 -2.16
N ARG A 232 8.17 19.37 -3.46
CA ARG A 232 7.69 18.07 -3.95
C ARG A 232 8.83 17.06 -3.85
N VAL A 233 8.52 15.86 -3.35
CA VAL A 233 9.53 14.84 -3.12
C VAL A 233 9.02 13.49 -3.60
N PRO A 234 9.94 12.52 -3.76
CA PRO A 234 9.63 11.32 -4.54
C PRO A 234 8.60 10.33 -3.97
N THR A 235 7.93 10.60 -2.86
CA THR A 235 6.95 9.60 -2.37
C THR A 235 5.66 9.68 -3.22
N VAL A 236 4.89 8.60 -3.31
CA VAL A 236 3.80 8.56 -4.33
C VAL A 236 2.49 9.10 -3.79
N ASP A 237 2.37 9.16 -2.47
CA ASP A 237 1.18 9.72 -1.85
C ASP A 237 1.45 9.96 -0.37
N VAL A 238 0.68 10.87 0.22
CA VAL A 238 0.84 11.40 1.60
C VAL A 238 1.83 12.54 1.69
N SER A 239 1.38 13.57 2.38
CA SER A 239 2.05 14.84 2.45
C SER A 239 2.04 15.33 3.90
N VAL A 240 2.82 16.36 4.18
CA VAL A 240 2.87 16.85 5.55
C VAL A 240 3.07 18.35 5.55
N VAL A 241 2.34 19.01 6.44
CA VAL A 241 2.43 20.47 6.56
C VAL A 241 3.28 20.74 7.77
N ASP A 242 4.07 21.79 7.64
CA ASP A 242 4.97 22.23 8.67
C ASP A 242 4.66 23.74 8.82
N LEU A 243 3.94 24.09 9.86
CA LEU A 243 3.39 25.42 10.00
C LEU A 243 4.13 26.13 11.13
N THR A 244 4.84 27.18 10.78
CA THR A 244 5.56 27.95 11.77
C THR A 244 4.73 29.19 12.12
N VAL A 245 4.23 29.28 13.36
CA VAL A 245 3.30 30.34 13.70
C VAL A 245 3.78 31.21 14.85
N LYS A 246 3.51 32.51 14.72
CA LYS A 246 3.64 33.46 15.83
C LYS A 246 2.26 33.55 16.50
N LEU A 247 2.23 33.36 17.81
CA LEU A 247 0.95 33.35 18.56
C LEU A 247 0.71 34.69 19.26
N ASN A 248 -0.54 34.99 19.57
CA ASN A 248 -0.85 36.20 20.33
C ASN A 248 -0.68 35.95 21.84
N LYS A 249 -1.00 34.75 22.30
CA LYS A 249 -1.00 34.43 23.75
C LYS A 249 0.09 33.40 24.02
N GLU A 250 0.86 33.61 25.08
CA GLU A 250 1.94 32.70 25.45
C GLU A 250 1.35 31.36 25.78
N THR A 251 2.04 30.29 25.39
CA THR A 251 1.53 28.97 25.71
C THR A 251 2.66 27.96 25.78
N THR A 252 2.37 26.77 26.28
CA THR A 252 3.35 25.70 26.31
C THR A 252 2.99 24.68 25.21
N TYR A 253 3.97 23.92 24.75
CA TYR A 253 3.69 22.93 23.71
C TYR A 253 2.70 21.89 24.27
N ASP A 254 2.86 21.58 25.55
CA ASP A 254 1.93 20.71 26.25
C ASP A 254 0.46 21.21 26.18
N GLU A 255 0.20 22.51 26.35
CA GLU A 255 -1.16 23.02 26.21
C GLU A 255 -1.60 22.93 24.75
N ILE A 256 -0.67 23.16 23.83
CA ILE A 256 -1.06 23.09 22.41
C ILE A 256 -1.55 21.67 22.10
N LYS A 257 -0.76 20.68 22.50
CA LYS A 257 -1.18 19.29 22.30
C LYS A 257 -2.56 19.02 22.90
N LYS A 258 -2.85 19.50 24.11
CA LYS A 258 -4.12 19.12 24.73
C LYS A 258 -5.31 19.75 23.97
N VAL A 259 -5.13 20.98 23.50
CA VAL A 259 -6.17 21.67 22.72
C VAL A 259 -6.41 20.96 21.38
N VAL A 260 -5.34 20.52 20.73
CA VAL A 260 -5.51 19.89 19.42
C VAL A 260 -6.18 18.54 19.65
N LYS A 261 -5.68 17.79 20.62
CA LYS A 261 -6.25 16.48 20.94
C LYS A 261 -7.75 16.58 21.27
N ALA A 262 -8.10 17.57 22.09
CA ALA A 262 -9.50 17.79 22.47
C ALA A 262 -10.34 18.15 21.21
N ALA A 263 -9.80 18.96 20.31
CA ALA A 263 -10.56 19.26 19.08
C ALA A 263 -10.64 18.00 18.18
N ALA A 264 -9.56 17.26 18.06
CA ALA A 264 -9.56 16.02 17.29
C ALA A 264 -10.59 15.01 17.81
N GLU A 265 -10.80 15.00 19.13
CA GLU A 265 -11.68 13.98 19.71
C GLU A 265 -13.11 14.49 19.83
N GLY A 266 -13.28 15.80 19.63
CA GLY A 266 -14.58 16.45 19.78
C GLY A 266 -15.14 16.95 18.45
N LYS A 267 -15.18 18.26 18.30
CA LYS A 267 -15.92 18.87 17.20
C LYS A 267 -15.31 18.58 15.81
N LEU A 268 -14.01 18.34 15.74
CA LEU A 268 -13.36 18.08 14.45
C LEU A 268 -13.11 16.58 14.20
N LYS A 269 -13.80 15.72 14.96
CA LYS A 269 -13.56 14.28 14.82
C LYS A 269 -13.81 13.83 13.39
N GLY A 270 -12.93 12.98 12.87
CA GLY A 270 -13.02 12.52 11.50
C GLY A 270 -12.41 13.50 10.51
N VAL A 271 -12.24 14.77 10.88
CA VAL A 271 -11.55 15.75 10.02
C VAL A 271 -10.12 15.95 10.53
N LEU A 272 -9.97 16.29 11.80
CA LEU A 272 -8.64 16.50 12.39
C LEU A 272 -8.34 15.32 13.26
N GLY A 273 -7.21 14.68 13.01
CA GLY A 273 -6.73 13.60 13.85
C GLY A 273 -5.57 14.02 14.72
N TYR A 274 -5.14 13.13 15.61
CA TYR A 274 -4.07 13.45 16.54
C TYR A 274 -3.31 12.17 16.86
N THR A 275 -2.00 12.24 16.90
CA THR A 275 -1.20 11.09 17.29
C THR A 275 0.07 11.55 18.02
N GLU A 276 0.56 10.68 18.88
CA GLU A 276 1.83 10.88 19.57
C GLU A 276 2.84 9.78 19.14
N ASP A 277 2.41 8.86 18.27
CA ASP A 277 3.28 7.75 17.85
C ASP A 277 4.38 8.13 16.85
N ALA A 278 5.33 7.21 16.61
CA ALA A 278 6.50 7.48 15.80
C ALA A 278 6.14 7.24 14.34
N VAL A 279 5.25 8.06 13.80
CA VAL A 279 4.66 7.76 12.49
C VAL A 279 5.56 8.26 11.37
N VAL A 280 5.37 7.67 10.19
CA VAL A 280 6.00 8.18 8.96
C VAL A 280 4.92 8.23 7.87
N SER A 281 5.24 8.77 6.70
CA SER A 281 4.14 9.10 5.76
C SER A 281 3.30 7.87 5.42
N SER A 282 3.91 6.70 5.23
CA SER A 282 3.14 5.56 4.73
C SER A 282 2.11 5.10 5.76
N ASP A 283 2.25 5.51 7.02
CA ASP A 283 1.24 5.18 8.03
C ASP A 283 -0.09 5.88 7.79
N PHE A 284 -0.13 6.87 6.89
CA PHE A 284 -1.40 7.55 6.60
C PHE A 284 -2.00 7.22 5.22
N LEU A 285 -1.43 6.25 4.52
CA LEU A 285 -2.00 5.80 3.25
C LEU A 285 -3.42 5.29 3.47
N GLY A 286 -4.40 5.85 2.77
CA GLY A 286 -5.82 5.47 2.97
C GLY A 286 -6.50 6.16 4.16
N ASP A 287 -5.78 7.00 4.88
CA ASP A 287 -6.38 7.69 6.06
C ASP A 287 -7.39 8.74 5.58
N SER A 288 -8.56 8.79 6.19
CA SER A 288 -9.64 9.67 5.70
C SER A 288 -9.70 11.03 6.40
N HIS A 289 -8.80 11.29 7.35
CA HIS A 289 -8.74 12.63 7.96
C HIS A 289 -8.21 13.67 7.00
N SER A 290 -8.60 14.94 7.17
CA SER A 290 -7.97 16.02 6.40
C SER A 290 -6.57 16.39 6.91
N SER A 291 -6.30 16.10 8.17
CA SER A 291 -5.14 16.67 8.86
C SER A 291 -4.89 15.74 10.08
N ILE A 292 -3.71 15.15 10.21
CA ILE A 292 -3.43 14.40 11.45
C ILE A 292 -2.22 15.05 12.15
N PHE A 293 -2.51 15.75 13.24
CA PHE A 293 -1.48 16.45 14.01
C PHE A 293 -0.47 15.43 14.58
N ASP A 294 0.82 15.71 14.39
CA ASP A 294 1.89 14.79 14.79
C ASP A 294 2.50 15.46 16.02
N ALA A 295 2.09 15.04 17.21
CA ALA A 295 2.43 15.82 18.42
C ALA A 295 3.92 15.69 18.69
N SER A 296 4.48 14.50 18.44
CA SER A 296 5.89 14.26 18.73
C SER A 296 6.84 14.96 17.77
N ALA A 297 6.40 15.35 16.56
CA ALA A 297 7.34 15.99 15.59
C ALA A 297 7.47 17.50 15.77
N GLY A 298 6.49 18.13 16.39
CA GLY A 298 6.48 19.59 16.45
C GLY A 298 7.52 20.11 17.43
N ILE A 299 7.87 21.38 17.34
CA ILE A 299 8.89 21.90 18.24
C ILE A 299 8.60 23.34 18.56
N GLN A 300 8.78 23.74 19.82
CA GLN A 300 8.48 25.10 20.26
C GLN A 300 9.76 25.81 20.66
N LEU A 301 10.02 26.97 20.11
CA LEU A 301 11.24 27.67 20.47
C LEU A 301 10.99 28.64 21.65
N SER A 302 9.86 29.31 21.66
CA SER A 302 9.56 30.27 22.72
C SER A 302 8.05 30.31 22.92
N PRO A 303 7.60 31.00 23.97
CA PRO A 303 6.17 30.89 24.36
C PRO A 303 5.18 31.31 23.28
N LYS A 304 5.60 32.14 22.33
CA LYS A 304 4.71 32.49 21.23
C LYS A 304 5.27 32.16 19.83
N PHE A 305 6.15 31.17 19.72
CA PHE A 305 6.76 30.87 18.43
C PHE A 305 6.95 29.35 18.36
N VAL A 306 6.18 28.70 17.52
CA VAL A 306 6.14 27.24 17.55
C VAL A 306 6.04 26.74 16.11
N LYS A 307 6.57 25.54 15.87
CA LYS A 307 6.41 24.81 14.58
C LYS A 307 5.54 23.58 14.80
N LEU A 308 4.43 23.53 14.08
CA LEU A 308 3.48 22.41 14.21
C LEU A 308 3.49 21.56 12.92
N VAL A 309 3.25 20.27 13.09
CA VAL A 309 3.37 19.31 11.98
C VAL A 309 2.06 18.51 11.84
N SER A 310 1.51 18.46 10.63
CA SER A 310 0.30 17.70 10.40
C SER A 310 0.33 16.96 9.06
N TRP A 311 -0.09 15.69 9.08
CA TRP A 311 -0.05 14.79 7.95
C TRP A 311 -1.35 14.82 7.18
N TYR A 312 -1.32 14.42 5.91
CA TYR A 312 -2.55 14.25 5.16
C TYR A 312 -2.29 13.34 3.98
N ASP A 313 -3.17 12.37 3.79
CA ASP A 313 -3.19 11.64 2.54
C ASP A 313 -3.84 12.60 1.51
N ASN A 314 -3.02 13.28 0.72
CA ASN A 314 -3.51 14.33 -0.20
C ASN A 314 -4.51 13.77 -1.20
N GLU A 315 -4.44 12.48 -1.50
CA GLU A 315 -5.46 11.88 -2.40
C GLU A 315 -6.71 11.47 -1.63
N TYR A 316 -6.53 10.64 -0.61
CA TYR A 316 -7.68 9.93 -0.01
C TYR A 316 -8.43 10.78 1.01
N GLY A 317 -7.71 11.58 1.79
CA GLY A 317 -8.34 12.45 2.75
C GLY A 317 -9.19 13.49 2.02
N TYR A 318 -8.58 14.15 1.04
CA TYR A 318 -9.29 15.12 0.22
C TYR A 318 -10.51 14.49 -0.51
N SER A 319 -10.38 13.29 -1.03
CA SER A 319 -11.51 12.69 -1.79
C SER A 319 -12.65 12.36 -0.84
N THR A 320 -12.32 11.98 0.40
CA THR A 320 -13.38 11.81 1.38
C THR A 320 -14.12 13.12 1.69
N ARG A 321 -13.37 14.22 1.84
CA ARG A 321 -13.98 15.53 2.06
C ARG A 321 -14.88 15.95 0.90
N VAL A 322 -14.49 15.60 -0.32
CA VAL A 322 -15.36 15.90 -1.49
C VAL A 322 -16.72 15.23 -1.30
N VAL A 323 -16.73 13.94 -0.97
CA VAL A 323 -18.00 13.25 -0.77
C VAL A 323 -18.75 13.82 0.45
N ASP A 324 -18.02 14.18 1.50
CA ASP A 324 -18.63 14.85 2.66
C ASP A 324 -19.34 16.16 2.26
N LEU A 325 -18.67 16.99 1.48
CA LEU A 325 -19.23 18.26 1.04
C LEU A 325 -20.45 18.01 0.15
N VAL A 326 -20.36 17.02 -0.73
CA VAL A 326 -21.48 16.64 -1.57
C VAL A 326 -22.71 16.31 -0.71
N GLU A 327 -22.52 15.52 0.32
CA GLU A 327 -23.63 15.11 1.19
C GLU A 327 -24.13 16.27 2.06
N HIS A 328 -23.23 17.16 2.45
CA HIS A 328 -23.65 18.32 3.22
C HIS A 328 -24.57 19.21 2.37
N VAL A 329 -24.11 19.48 1.15
CA VAL A 329 -24.87 20.31 0.21
C VAL A 329 -26.23 19.70 -0.10
N ALA A 330 -26.30 18.38 -0.14
CA ALA A 330 -27.55 17.72 -0.50
C ALA A 330 -28.57 17.78 0.64
N LYS A 331 -28.10 17.75 1.89
CA LYS A 331 -28.98 17.77 3.06
C LYS A 331 -29.40 19.18 3.45
N ALA A 332 -28.64 20.18 3.00
CA ALA A 332 -28.80 21.55 3.46
C ALA A 332 -30.12 22.15 2.98
N VAL B 2 -2.45 -25.84 16.74
CA VAL B 2 -0.99 -25.97 16.90
C VAL B 2 -0.42 -24.68 17.54
N ARG B 3 0.39 -24.86 18.56
CA ARG B 3 0.97 -23.80 19.36
C ARG B 3 2.33 -23.50 18.78
N VAL B 4 2.59 -22.25 18.39
CA VAL B 4 3.84 -21.95 17.70
C VAL B 4 4.55 -20.84 18.44
N ALA B 5 5.87 -20.78 18.25
CA ALA B 5 6.69 -19.68 18.72
C ALA B 5 7.47 -19.13 17.53
N ILE B 6 7.68 -17.84 17.47
CA ILE B 6 8.42 -17.30 16.34
C ILE B 6 9.79 -16.85 16.84
N ASN B 7 10.86 -17.27 16.18
CA ASN B 7 12.19 -16.72 16.48
C ASN B 7 12.60 -15.71 15.43
N GLY B 8 12.91 -14.48 15.83
CA GLY B 8 13.23 -13.45 14.85
C GLY B 8 11.96 -12.65 14.62
N PHE B 9 12.06 -11.34 14.55
CA PHE B 9 10.89 -10.48 14.33
C PHE B 9 11.23 -9.47 13.25
N GLY B 10 11.92 -9.92 12.20
CA GLY B 10 12.09 -9.13 11.00
C GLY B 10 10.87 -9.19 10.07
N ARG B 11 11.06 -8.92 8.79
CA ARG B 11 9.92 -8.83 7.85
C ARG B 11 9.10 -10.13 7.86
N ILE B 12 9.78 -11.26 7.80
CA ILE B 12 9.10 -12.53 7.70
C ILE B 12 8.46 -12.87 9.05
N GLY B 13 9.22 -12.75 10.14
CA GLY B 13 8.69 -13.02 11.47
C GLY B 13 7.40 -12.23 11.74
N ARG B 14 7.38 -10.96 11.42
CA ARG B 14 6.21 -10.12 11.70
C ARG B 14 4.99 -10.46 10.83
N LEU B 15 5.21 -10.66 9.52
CA LEU B 15 4.11 -11.02 8.65
C LEU B 15 3.58 -12.44 8.96
N VAL B 16 4.47 -13.39 9.23
CA VAL B 16 4.04 -14.72 9.68
C VAL B 16 3.14 -14.58 10.92
N MET B 17 3.51 -13.69 11.84
CA MET B 17 2.69 -13.40 13.00
C MET B 17 1.34 -12.86 12.58
N ARG B 18 1.29 -11.89 11.66
CA ARG B 18 -0.02 -11.35 11.28
C ARG B 18 -0.93 -12.46 10.70
N ILE B 19 -0.37 -13.25 9.81
CA ILE B 19 -1.11 -14.31 9.12
C ILE B 19 -1.51 -15.39 10.15
N ALA B 20 -0.58 -15.81 10.98
CA ALA B 20 -0.86 -16.81 12.01
C ALA B 20 -1.99 -16.37 12.94
N LEU B 21 -2.07 -15.10 13.31
CA LEU B 21 -3.15 -14.63 14.19
C LEU B 21 -4.52 -14.70 13.52
N SER B 22 -4.58 -14.83 12.21
CA SER B 22 -5.89 -14.96 11.59
C SER B 22 -6.23 -16.43 11.23
N ARG B 23 -5.36 -17.37 11.54
CA ARG B 23 -5.68 -18.79 11.27
C ARG B 23 -6.24 -19.41 12.52
N PRO B 24 -7.51 -19.79 12.49
CA PRO B 24 -8.11 -20.31 13.72
C PRO B 24 -7.43 -21.53 14.35
N ASN B 25 -6.72 -22.38 13.60
CA ASN B 25 -6.05 -23.53 14.21
C ASN B 25 -4.61 -23.26 14.70
N VAL B 26 -4.14 -22.02 14.57
CA VAL B 26 -2.78 -21.71 15.00
C VAL B 26 -2.82 -20.82 16.25
N GLU B 27 -2.05 -21.13 17.27
CA GLU B 27 -2.01 -20.22 18.40
C GLU B 27 -0.58 -19.70 18.54
N VAL B 28 -0.40 -18.39 18.46
CA VAL B 28 0.93 -17.82 18.66
C VAL B 28 1.19 -17.64 20.14
N VAL B 29 2.09 -18.44 20.67
CA VAL B 29 2.38 -18.44 22.10
C VAL B 29 3.45 -17.44 22.45
N ALA B 30 4.48 -17.36 21.61
CA ALA B 30 5.69 -16.67 22.02
C ALA B 30 6.46 -16.16 20.81
N LEU B 31 7.26 -15.14 21.07
CA LEU B 31 8.13 -14.51 20.11
C LEU B 31 9.49 -14.27 20.78
N ASN B 32 10.58 -14.51 20.06
CA ASN B 32 11.92 -14.23 20.56
C ASN B 32 12.61 -13.28 19.60
N ASP B 33 13.11 -12.15 20.11
CA ASP B 33 14.07 -11.30 19.37
C ASP B 33 14.87 -10.45 20.35
N PRO B 34 16.15 -10.82 20.56
CA PRO B 34 17.07 -10.19 21.50
C PRO B 34 17.42 -8.72 21.20
N PHE B 35 17.13 -8.26 20.00
CA PHE B 35 17.28 -6.84 19.68
C PHE B 35 16.23 -6.00 20.43
N ILE B 36 14.96 -6.20 20.11
CA ILE B 36 13.86 -5.32 20.51
C ILE B 36 13.21 -5.55 21.90
N THR B 37 12.81 -4.45 22.52
CA THR B 37 11.98 -4.48 23.71
C THR B 37 10.51 -4.63 23.33
N ASN B 38 9.66 -4.87 24.32
CA ASN B 38 8.26 -5.17 24.06
C ASN B 38 7.53 -3.99 23.42
N ASP B 39 7.81 -2.79 23.93
CA ASP B 39 7.13 -1.61 23.42
C ASP B 39 7.49 -1.44 21.95
N TYR B 40 8.74 -1.65 21.60
CA TYR B 40 9.20 -1.44 20.24
C TYR B 40 8.62 -2.54 19.36
N ALA B 41 8.57 -3.78 19.89
CA ALA B 41 7.98 -4.91 19.14
C ALA B 41 6.54 -4.59 18.78
N ALA B 42 5.78 -4.05 19.73
CA ALA B 42 4.38 -3.70 19.47
C ALA B 42 4.30 -2.65 18.34
N TYR B 43 5.14 -1.62 18.41
CA TYR B 43 5.21 -0.62 17.35
C TYR B 43 5.54 -1.21 15.98
N MET B 44 6.57 -2.07 15.91
CA MET B 44 7.00 -2.62 14.63
C MET B 44 5.91 -3.50 14.07
N PHE B 45 5.14 -4.11 14.95
CA PHE B 45 4.07 -5.00 14.50
C PHE B 45 2.85 -4.22 13.99
N LYS B 46 2.49 -3.16 14.71
CA LYS B 46 1.32 -2.35 14.38
C LYS B 46 1.51 -1.60 13.06
N TYR B 47 2.64 -0.92 12.89
CA TYR B 47 2.80 -0.09 11.69
C TYR B 47 3.70 -0.76 10.65
N ASP B 48 3.30 -0.72 9.39
CA ASP B 48 4.08 -1.39 8.33
C ASP B 48 4.02 -0.55 7.07
N SER B 49 5.18 -0.16 6.54
CA SER B 49 5.22 0.76 5.42
C SER B 49 4.68 0.11 4.16
N THR B 50 4.81 -1.22 4.08
CA THR B 50 4.42 -1.94 2.86
C THR B 50 2.99 -2.50 2.93
N HIS B 51 2.62 -3.06 4.08
CA HIS B 51 1.35 -3.80 4.15
C HIS B 51 0.33 -3.12 5.07
N GLY B 52 0.60 -1.87 5.47
CA GLY B 52 -0.38 -1.07 6.20
C GLY B 52 -0.46 -1.38 7.70
N ARG B 53 -1.27 -0.60 8.41
CA ARG B 53 -1.40 -0.78 9.85
C ARG B 53 -2.10 -2.11 10.11
N TYR B 54 -1.72 -2.79 11.17
CA TYR B 54 -2.45 -3.97 11.59
C TYR B 54 -3.89 -3.53 11.93
N ALA B 55 -4.88 -4.16 11.30
CA ALA B 55 -6.29 -3.92 11.64
C ALA B 55 -6.69 -4.76 12.85
N GLY B 56 -6.22 -4.32 14.01
CA GLY B 56 -6.64 -4.89 15.29
C GLY B 56 -5.93 -4.03 16.32
N GLU B 57 -6.22 -4.24 17.60
CA GLU B 57 -5.59 -3.48 18.66
C GLU B 57 -4.29 -4.11 19.09
N VAL B 58 -3.22 -3.33 19.13
CA VAL B 58 -1.92 -3.83 19.48
C VAL B 58 -1.47 -3.05 20.70
N SER B 59 -1.05 -3.73 21.76
CA SER B 59 -0.46 -3.05 22.94
C SER B 59 0.62 -3.93 23.50
N HIS B 60 1.07 -3.66 24.72
CA HIS B 60 2.15 -4.46 25.26
C HIS B 60 2.13 -4.35 26.79
N ASP B 61 2.78 -5.29 27.47
CA ASP B 61 3.13 -5.10 28.87
C ASP B 61 4.53 -5.65 29.11
N ASP B 62 4.91 -5.63 30.38
CA ASP B 62 6.21 -6.04 30.87
C ASP B 62 6.72 -7.37 30.30
N LYS B 63 5.83 -8.27 29.93
CA LYS B 63 6.28 -9.58 29.50
C LYS B 63 5.66 -10.02 28.17
N HIS B 64 4.85 -9.17 27.53
CA HIS B 64 4.07 -9.57 26.36
C HIS B 64 3.86 -8.43 25.38
N ILE B 65 3.58 -8.77 24.12
CA ILE B 65 2.83 -7.86 23.29
C ILE B 65 1.45 -8.49 23.16
N ILE B 66 0.45 -7.65 22.99
CA ILE B 66 -0.93 -8.08 23.09
C ILE B 66 -1.65 -7.69 21.82
N VAL B 67 -2.26 -8.66 21.15
CA VAL B 67 -2.98 -8.38 19.90
C VAL B 67 -4.41 -8.87 19.96
N ASP B 68 -5.33 -7.91 19.91
CA ASP B 68 -6.75 -8.16 20.10
C ASP B 68 -7.00 -9.13 21.24
N GLY B 69 -6.39 -8.86 22.39
CA GLY B 69 -6.64 -9.64 23.60
C GLY B 69 -5.78 -10.87 23.77
N LYS B 70 -5.04 -11.26 22.74
CA LYS B 70 -4.16 -12.42 22.84
C LYS B 70 -2.82 -11.94 23.37
N LYS B 71 -2.39 -12.46 24.50
CA LYS B 71 -1.07 -12.13 25.04
C LYS B 71 0.00 -13.02 24.40
N ILE B 72 1.03 -12.39 23.85
CA ILE B 72 2.11 -13.15 23.22
C ILE B 72 3.36 -12.94 24.05
N ALA B 73 3.83 -13.99 24.71
CA ALA B 73 5.00 -13.85 25.57
C ALA B 73 6.25 -13.57 24.75
N THR B 74 7.05 -12.62 25.19
CA THR B 74 8.29 -12.31 24.47
C THR B 74 9.55 -12.66 25.28
N TYR B 75 10.55 -13.19 24.59
CA TYR B 75 11.81 -13.46 25.23
C TYR B 75 12.95 -12.77 24.47
N GLN B 76 14.14 -12.79 25.05
CA GLN B 76 15.31 -12.16 24.43
C GLN B 76 16.54 -13.03 24.67
N GLU B 77 16.60 -14.14 23.95
CA GLU B 77 17.66 -15.12 24.11
C GLU B 77 18.45 -15.20 22.80
N ARG B 78 19.67 -14.66 22.79
CA ARG B 78 20.57 -14.82 21.66
C ARG B 78 20.71 -16.29 21.27
N ASP B 79 20.66 -17.16 22.26
CA ASP B 79 20.85 -18.59 22.04
C ASP B 79 19.55 -19.35 22.30
N PRO B 80 18.85 -19.73 21.22
CA PRO B 80 17.52 -20.34 21.33
C PRO B 80 17.47 -21.52 22.27
N ALA B 81 18.62 -22.12 22.57
CA ALA B 81 18.67 -23.29 23.44
C ALA B 81 18.03 -23.02 24.79
N ASN B 82 18.08 -21.77 25.24
CA ASN B 82 17.61 -21.43 26.57
C ASN B 82 16.12 -21.10 26.61
N LEU B 83 15.49 -20.99 25.45
CA LEU B 83 14.09 -20.56 25.38
C LEU B 83 13.16 -21.55 26.06
N PRO B 84 12.10 -21.04 26.72
CA PRO B 84 11.17 -21.86 27.51
C PRO B 84 10.14 -22.61 26.68
N TRP B 85 10.57 -23.26 25.61
CA TRP B 85 9.61 -23.86 24.67
C TRP B 85 8.94 -25.03 25.33
N GLY B 86 9.72 -25.76 26.12
CA GLY B 86 9.17 -26.89 26.84
C GLY B 86 8.06 -26.46 27.77
N SER B 87 8.32 -25.40 28.55
CA SER B 87 7.37 -24.96 29.57
C SER B 87 6.34 -23.99 29.00
N SER B 88 6.39 -23.80 27.69
CA SER B 88 5.35 -23.04 26.98
C SER B 88 4.53 -23.98 26.07
N ASN B 89 4.82 -25.29 26.15
CA ASN B 89 4.12 -26.29 25.34
C ASN B 89 4.07 -25.81 23.88
N VAL B 90 5.23 -25.46 23.33
CA VAL B 90 5.32 -25.07 21.92
C VAL B 90 5.38 -26.34 21.06
N ASP B 91 4.47 -26.47 20.10
CA ASP B 91 4.54 -27.56 19.14
C ASP B 91 5.56 -27.29 18.03
N ILE B 92 5.55 -26.09 17.46
CA ILE B 92 6.44 -25.79 16.35
C ILE B 92 7.07 -24.44 16.56
N ALA B 93 8.41 -24.42 16.54
CA ALA B 93 9.18 -23.20 16.54
C ALA B 93 9.44 -22.76 15.09
N ILE B 94 9.06 -21.54 14.78
CA ILE B 94 9.23 -21.04 13.41
C ILE B 94 10.45 -20.16 13.46
N ASP B 95 11.54 -20.50 12.78
CA ASP B 95 12.75 -19.70 12.91
C ASP B 95 12.96 -18.84 11.72
N SER B 96 12.68 -17.54 11.89
CA SER B 96 12.79 -16.62 10.79
C SER B 96 14.04 -15.71 10.92
N THR B 97 15.02 -16.12 11.71
CA THR B 97 16.22 -15.28 11.91
C THR B 97 17.24 -15.37 10.76
N GLY B 98 17.19 -16.46 9.99
CA GLY B 98 18.21 -16.75 8.99
C GLY B 98 19.48 -17.43 9.51
N VAL B 99 19.58 -17.55 10.83
CA VAL B 99 20.82 -17.91 11.51
C VAL B 99 20.86 -19.35 11.95
N PHE B 100 19.71 -19.94 12.20
CA PHE B 100 19.64 -21.31 12.66
C PHE B 100 18.97 -22.16 11.59
N LYS B 101 19.58 -22.16 10.43
CA LYS B 101 18.97 -22.75 9.26
C LYS B 101 19.52 -24.14 8.89
N GLU B 102 20.29 -24.76 9.77
CA GLU B 102 20.77 -26.12 9.46
C GLU B 102 20.28 -27.11 10.53
N LEU B 103 20.32 -28.40 10.22
CA LEU B 103 19.82 -29.40 11.16
C LEU B 103 20.45 -29.22 12.53
N ASP B 104 21.75 -28.96 12.57
CA ASP B 104 22.47 -29.02 13.85
C ASP B 104 22.32 -27.73 14.65
N THR B 105 21.80 -26.67 14.04
CA THR B 105 21.61 -25.42 14.76
C THR B 105 20.16 -25.23 15.12
N ALA B 106 19.27 -25.55 14.17
CA ALA B 106 17.83 -25.57 14.44
C ALA B 106 17.49 -26.53 15.58
N GLN B 107 18.38 -27.48 15.86
CA GLN B 107 18.18 -28.43 16.97
C GLN B 107 18.04 -27.71 18.30
N LYS B 108 18.67 -26.55 18.43
CA LYS B 108 18.56 -25.78 19.67
C LYS B 108 17.11 -25.52 20.13
N HIS B 109 16.16 -25.35 19.19
CA HIS B 109 14.74 -25.18 19.52
C HIS B 109 14.10 -26.46 20.10
N ILE B 110 14.53 -27.60 19.58
CA ILE B 110 14.02 -28.87 20.05
C ILE B 110 14.62 -29.18 21.42
N ASP B 111 15.91 -28.85 21.59
CA ASP B 111 16.54 -28.99 22.89
C ASP B 111 15.84 -28.12 23.90
N ALA B 112 15.25 -27.00 23.45
CA ALA B 112 14.58 -26.07 24.34
C ALA B 112 13.17 -26.55 24.61
N GLY B 113 12.78 -27.62 23.92
CA GLY B 113 11.51 -28.27 24.19
C GLY B 113 10.43 -28.14 23.11
N ALA B 114 10.67 -27.41 22.03
CA ALA B 114 9.71 -27.39 20.93
C ALA B 114 9.66 -28.79 20.32
N LYS B 115 8.51 -29.24 19.81
CA LYS B 115 8.48 -30.58 19.20
C LYS B 115 9.12 -30.59 17.80
N LYS B 116 8.88 -29.55 17.03
CA LYS B 116 9.40 -29.45 15.66
C LYS B 116 9.79 -28.02 15.31
N VAL B 117 10.50 -27.85 14.20
CA VAL B 117 10.97 -26.55 13.76
C VAL B 117 10.69 -26.34 12.25
N VAL B 118 10.21 -25.15 11.89
CA VAL B 118 10.15 -24.73 10.49
C VAL B 118 11.08 -23.57 10.31
N ILE B 119 12.06 -23.75 9.43
CA ILE B 119 13.06 -22.75 9.11
C ILE B 119 12.56 -21.97 7.87
N THR B 120 12.46 -20.66 7.99
CA THR B 120 11.90 -19.85 6.91
C THR B 120 13.00 -19.39 5.93
N ALA B 121 13.84 -20.31 5.50
CA ALA B 121 14.94 -20.01 4.56
C ALA B 121 15.42 -21.34 3.99
N PRO B 122 16.12 -21.31 2.87
CA PRO B 122 16.60 -22.57 2.29
C PRO B 122 17.61 -23.15 3.24
N SER B 123 17.79 -24.46 3.22
CA SER B 123 18.77 -25.10 4.09
C SER B 123 19.60 -26.08 3.26
N SER B 124 20.89 -26.21 3.57
CA SER B 124 21.71 -27.27 2.95
C SER B 124 21.38 -28.63 3.53
N THR B 125 20.97 -28.66 4.80
CA THR B 125 20.80 -29.95 5.48
C THR B 125 19.37 -30.30 5.85
N ALA B 126 18.53 -29.31 6.17
CA ALA B 126 17.15 -29.64 6.53
C ALA B 126 16.33 -29.87 5.27
N PRO B 127 15.52 -30.93 5.20
CA PRO B 127 14.70 -31.15 4.00
C PRO B 127 13.80 -29.98 3.69
N MET B 128 13.74 -29.58 2.43
CA MET B 128 12.89 -28.45 2.01
C MET B 128 11.55 -28.93 1.44
N PHE B 129 10.51 -28.16 1.72
CA PHE B 129 9.19 -28.42 1.19
C PHE B 129 8.59 -27.15 0.61
N VAL B 130 7.88 -27.29 -0.49
CA VAL B 130 7.16 -26.20 -1.10
C VAL B 130 5.73 -26.65 -1.33
N MET B 131 4.78 -25.94 -0.72
CA MET B 131 3.37 -26.27 -0.85
C MET B 131 2.93 -26.30 -2.32
N GLY B 132 2.13 -27.30 -2.68
CA GLY B 132 1.71 -27.45 -4.06
C GLY B 132 2.75 -28.18 -4.88
N VAL B 133 3.93 -28.40 -4.31
CA VAL B 133 5.01 -29.07 -5.06
C VAL B 133 5.39 -30.41 -4.43
N ASN B 134 5.78 -30.45 -3.16
CA ASN B 134 6.20 -31.74 -2.55
C ASN B 134 5.85 -31.85 -1.05
N GLU B 135 4.89 -31.06 -0.58
CA GLU B 135 4.52 -31.16 0.83
C GLU B 135 3.94 -32.54 1.15
N GLU B 136 3.43 -33.23 0.14
CA GLU B 136 3.02 -34.64 0.31
C GLU B 136 4.15 -35.54 0.83
N LYS B 137 5.39 -35.19 0.52
CA LYS B 137 6.54 -36.00 0.92
C LYS B 137 6.92 -35.76 2.37
N TYR B 138 6.25 -34.82 3.02
CA TYR B 138 6.56 -34.57 4.42
C TYR B 138 6.13 -35.81 5.21
N THR B 139 7.01 -36.33 6.05
CA THR B 139 6.64 -37.43 6.95
C THR B 139 6.84 -37.00 8.41
N SER B 140 5.94 -37.47 9.28
CA SER B 140 5.82 -36.92 10.61
C SER B 140 7.03 -37.14 11.50
N ASP B 141 7.96 -37.97 11.05
CA ASP B 141 9.20 -38.21 11.80
C ASP B 141 10.20 -37.09 11.61
N LEU B 142 10.00 -36.24 10.60
CA LEU B 142 10.88 -35.10 10.40
C LEU B 142 10.57 -33.99 11.40
N LYS B 143 11.55 -33.67 12.23
CA LYS B 143 11.35 -32.69 13.29
C LYS B 143 11.76 -31.30 12.83
N ILE B 144 12.64 -31.26 11.83
CA ILE B 144 13.22 -30.01 11.36
C ILE B 144 13.09 -29.92 9.82
N VAL B 145 12.46 -28.87 9.34
CA VAL B 145 12.20 -28.75 7.91
C VAL B 145 12.39 -27.30 7.50
N SER B 146 12.58 -27.08 6.20
CA SER B 146 12.72 -25.74 5.63
C SER B 146 11.61 -25.45 4.61
N ASN B 147 11.12 -24.21 4.57
CA ASN B 147 10.14 -23.82 3.56
C ASN B 147 10.78 -23.24 2.29
N ALA B 148 12.08 -23.48 2.10
CA ALA B 148 12.84 -22.92 0.97
C ALA B 148 12.81 -21.37 0.97
N SER B 149 12.84 -20.76 -0.21
CA SER B 149 12.88 -19.29 -0.31
C SER B 149 11.70 -18.78 -1.07
N CYS B 150 11.45 -17.47 -1.02
CA CYS B 150 10.33 -16.89 -1.74
C CYS B 150 10.47 -17.20 -3.24
N THR B 151 11.66 -17.01 -3.80
CA THR B 151 11.86 -17.24 -5.24
C THR B 151 11.63 -18.71 -5.61
N THR B 152 12.11 -19.62 -4.77
CA THR B 152 11.87 -21.04 -5.07
C THR B 152 10.38 -21.34 -5.03
N ASN B 153 9.66 -20.72 -4.10
CA ASN B 153 8.21 -20.94 -4.01
C ASN B 153 7.48 -20.38 -5.21
N CYS B 154 8.06 -19.37 -5.87
CA CYS B 154 7.45 -18.82 -7.06
C CYS B 154 7.78 -19.72 -8.26
N LEU B 155 9.02 -20.18 -8.34
CA LEU B 155 9.48 -20.90 -9.52
C LEU B 155 8.97 -22.35 -9.48
N ALA B 156 9.00 -23.00 -8.32
CA ALA B 156 8.82 -24.46 -8.32
C ALA B 156 7.39 -24.92 -8.77
N PRO B 157 6.32 -24.26 -8.29
CA PRO B 157 4.99 -24.72 -8.74
C PRO B 157 4.80 -24.53 -10.27
N LEU B 158 5.29 -23.42 -10.82
CA LEU B 158 5.18 -23.22 -12.27
C LEU B 158 6.03 -24.27 -13.00
N ALA B 159 7.24 -24.49 -12.53
CA ALA B 159 8.16 -25.45 -13.18
C ALA B 159 7.56 -26.86 -13.15
N LYS B 160 6.89 -27.23 -12.06
CA LYS B 160 6.27 -28.54 -11.96
C LYS B 160 5.19 -28.68 -13.03
N VAL B 161 4.35 -27.67 -13.12
CA VAL B 161 3.25 -27.69 -14.09
C VAL B 161 3.75 -27.83 -15.51
N ILE B 162 4.76 -27.03 -15.85
CA ILE B 162 5.34 -27.01 -17.18
C ILE B 162 6.08 -28.33 -17.42
N ASN B 163 6.89 -28.77 -16.47
CA ASN B 163 7.62 -30.00 -16.65
C ASN B 163 6.67 -31.20 -16.81
N ASP B 164 5.66 -31.30 -15.96
CA ASP B 164 4.72 -32.42 -16.04
C ASP B 164 4.02 -32.44 -17.39
N ALA B 165 3.70 -31.26 -17.94
CA ALA B 165 2.93 -31.24 -19.19
C ALA B 165 3.82 -31.36 -20.44
N PHE B 166 4.95 -30.66 -20.48
CA PHE B 166 5.70 -30.53 -21.73
C PHE B 166 7.14 -31.01 -21.65
N GLY B 167 7.64 -31.20 -20.43
CA GLY B 167 9.00 -31.60 -20.19
C GLY B 167 9.94 -30.40 -20.24
N ILE B 168 10.66 -30.14 -19.17
CA ILE B 168 11.68 -29.08 -19.18
C ILE B 168 13.00 -29.78 -19.42
N GLU B 169 13.61 -29.52 -20.58
CA GLU B 169 14.95 -30.01 -20.85
C GLU B 169 15.98 -29.23 -20.02
N GLU B 170 15.87 -27.91 -20.04
CA GLU B 170 16.67 -27.07 -19.16
C GLU B 170 16.09 -25.67 -19.22
N GLY B 171 16.46 -24.85 -18.25
CA GLY B 171 15.85 -23.54 -18.14
C GLY B 171 16.78 -22.59 -17.38
N LEU B 172 16.79 -21.34 -17.83
CA LEU B 172 17.55 -20.28 -17.18
C LEU B 172 16.55 -19.23 -16.74
N MET B 173 16.65 -18.83 -15.47
CA MET B 173 15.68 -17.94 -14.85
C MET B 173 16.37 -16.62 -14.49
N THR B 174 15.62 -15.53 -14.59
CA THR B 174 16.04 -14.28 -13.96
C THR B 174 14.91 -13.85 -13.07
N THR B 175 15.22 -13.37 -11.85
CA THR B 175 14.18 -12.72 -11.07
C THR B 175 14.49 -11.24 -10.97
N VAL B 176 13.50 -10.42 -11.29
CA VAL B 176 13.62 -9.00 -11.01
C VAL B 176 13.00 -8.80 -9.64
N HIS B 177 13.83 -8.47 -8.65
CA HIS B 177 13.47 -8.67 -7.28
C HIS B 177 13.46 -7.33 -6.53
N SER B 178 12.43 -7.11 -5.73
CA SER B 178 12.36 -5.88 -4.92
C SER B 178 13.53 -5.84 -3.95
N LEU B 179 13.86 -4.66 -3.44
CA LEU B 179 14.98 -4.57 -2.52
C LEU B 179 14.67 -5.26 -1.18
N THR B 180 15.73 -5.60 -0.44
CA THR B 180 15.57 -6.42 0.74
C THR B 180 16.34 -5.79 1.90
N ALA B 181 16.11 -6.27 3.11
CA ALA B 181 16.73 -5.68 4.30
C ALA B 181 18.26 -5.78 4.29
N THR B 182 18.83 -6.72 3.53
CA THR B 182 20.29 -6.86 3.54
C THR B 182 20.96 -5.72 2.75
N GLN B 183 20.18 -4.92 2.02
CA GLN B 183 20.74 -3.88 1.18
C GLN B 183 20.99 -2.57 1.97
N LYS B 184 21.64 -1.63 1.31
CA LYS B 184 22.09 -0.37 1.94
C LYS B 184 21.45 0.85 1.31
N THR B 185 21.10 1.84 2.15
CA THR B 185 20.42 3.03 1.65
C THR B 185 21.34 3.92 0.79
N VAL B 186 22.62 3.98 1.18
CA VAL B 186 23.67 4.65 0.38
C VAL B 186 24.89 3.72 0.34
N ASP B 187 25.74 3.85 -0.68
CA ASP B 187 26.85 2.89 -0.88
C ASP B 187 27.52 2.65 0.49
N GLY B 188 27.51 1.42 0.97
CA GLY B 188 28.19 1.11 2.23
C GLY B 188 28.78 -0.30 2.19
N PRO B 189 29.42 -0.74 3.29
CA PRO B 189 30.14 -2.02 3.33
C PRO B 189 29.26 -3.27 3.27
N SER B 190 29.64 -4.18 2.42
CA SER B 190 28.91 -5.44 2.22
C SER B 190 29.95 -6.44 1.72
N HIS B 191 30.84 -6.87 2.62
CA HIS B 191 32.08 -7.55 2.19
C HIS B 191 31.81 -8.89 1.49
N LYS B 192 30.68 -9.53 1.79
CA LYS B 192 30.37 -10.81 1.14
C LYS B 192 29.63 -10.65 -0.22
N ASP B 193 29.20 -9.43 -0.55
CA ASP B 193 28.35 -9.19 -1.74
C ASP B 193 28.54 -7.71 -2.09
N TRP B 194 29.63 -7.41 -2.78
CA TRP B 194 30.02 -6.03 -3.04
C TRP B 194 28.90 -5.28 -3.76
N ARG B 195 28.32 -5.88 -4.81
CA ARG B 195 27.23 -5.20 -5.56
C ARG B 195 26.07 -4.85 -4.59
N GLY B 196 25.78 -5.77 -3.67
CA GLY B 196 24.72 -5.58 -2.67
C GLY B 196 24.93 -4.45 -1.66
N GLY B 197 26.14 -3.87 -1.62
CA GLY B 197 26.38 -2.76 -0.72
C GLY B 197 25.99 -1.43 -1.34
N ARG B 198 25.66 -1.43 -2.65
CA ARG B 198 25.53 -0.19 -3.40
C ARG B 198 24.13 0.39 -3.18
N THR B 199 24.01 1.71 -3.29
CA THR B 199 22.76 2.41 -2.99
C THR B 199 21.55 1.66 -3.56
N ALA B 200 20.70 1.15 -2.66
CA ALA B 200 19.61 0.25 -3.03
C ALA B 200 18.60 0.90 -3.98
N SER B 201 18.19 2.12 -3.63
CA SER B 201 17.03 2.72 -4.30
C SER B 201 17.48 3.47 -5.54
N GLY B 202 18.78 3.51 -5.80
CA GLY B 202 19.23 4.21 -6.99
C GLY B 202 19.99 3.34 -7.98
N ASN B 203 19.79 2.02 -7.94
CA ASN B 203 20.52 1.08 -8.79
C ASN B 203 19.69 -0.12 -9.20
N ILE B 204 19.98 -0.64 -10.38
CA ILE B 204 19.71 -2.04 -10.72
C ILE B 204 20.96 -2.85 -10.28
N ILE B 205 20.77 -3.88 -9.48
CA ILE B 205 21.90 -4.57 -8.82
C ILE B 205 21.89 -6.08 -9.09
N PRO B 206 22.79 -6.57 -9.97
CA PRO B 206 22.85 -7.99 -10.24
C PRO B 206 23.17 -8.74 -8.94
N SER B 207 22.63 -9.95 -8.79
CA SER B 207 22.92 -10.75 -7.61
C SER B 207 22.81 -12.20 -8.02
N SER B 208 23.50 -13.05 -7.29
CA SER B 208 23.42 -14.47 -7.59
C SER B 208 22.26 -14.99 -6.74
N THR B 209 21.68 -16.12 -7.14
CA THR B 209 20.64 -16.74 -6.33
C THR B 209 20.70 -18.27 -6.52
N GLY B 210 20.51 -19.00 -5.44
CA GLY B 210 20.46 -20.45 -5.54
C GLY B 210 19.02 -20.92 -5.71
N ALA B 211 18.08 -20.01 -5.90
CA ALA B 211 16.66 -20.40 -5.92
C ALA B 211 16.35 -21.39 -7.04
N ALA B 212 16.90 -21.16 -8.23
CA ALA B 212 16.56 -22.04 -9.36
C ALA B 212 17.17 -23.41 -9.12
N LYS B 213 18.39 -23.43 -8.60
CA LYS B 213 19.06 -24.70 -8.34
C LYS B 213 18.25 -25.49 -7.29
N ALA B 214 17.76 -24.80 -6.27
CA ALA B 214 16.99 -25.41 -5.19
C ALA B 214 15.68 -26.03 -5.67
N VAL B 215 15.22 -25.64 -6.84
CA VAL B 215 14.02 -26.28 -7.38
C VAL B 215 14.34 -27.77 -7.51
N GLY B 216 15.60 -28.08 -7.83
CA GLY B 216 16.02 -29.46 -7.98
C GLY B 216 15.92 -30.26 -6.70
N LYS B 217 15.91 -29.60 -5.55
CA LYS B 217 15.76 -30.31 -4.30
C LYS B 217 14.30 -30.70 -4.04
N VAL B 218 13.35 -29.85 -4.39
CA VAL B 218 11.96 -30.21 -4.15
C VAL B 218 11.33 -30.92 -5.33
N LEU B 219 11.96 -30.86 -6.50
CA LEU B 219 11.53 -31.63 -7.67
C LEU B 219 12.76 -32.34 -8.21
N PRO B 220 13.07 -33.53 -7.67
CA PRO B 220 14.36 -34.16 -8.00
C PRO B 220 14.54 -34.38 -9.50
N GLU B 221 13.43 -34.48 -10.23
CA GLU B 221 13.52 -34.71 -11.71
C GLU B 221 14.12 -33.50 -12.46
N LEU B 222 14.16 -32.35 -11.81
CA LEU B 222 14.75 -31.18 -12.43
C LEU B 222 16.11 -30.85 -11.82
N GLN B 223 16.69 -31.77 -11.06
CA GLN B 223 18.04 -31.56 -10.54
C GLN B 223 18.98 -31.27 -11.72
N GLY B 224 19.83 -30.25 -11.61
CA GLY B 224 20.76 -29.92 -12.68
C GLY B 224 20.16 -29.25 -13.92
N LYS B 225 18.84 -29.05 -13.97
CA LYS B 225 18.22 -28.57 -15.22
C LYS B 225 17.92 -27.06 -15.21
N LEU B 226 18.06 -26.44 -14.05
CA LEU B 226 17.71 -25.02 -13.90
C LEU B 226 18.80 -24.24 -13.22
N THR B 227 19.03 -23.02 -13.67
CA THR B 227 19.79 -22.09 -12.83
C THR B 227 19.38 -20.70 -13.20
N GLY B 228 19.97 -19.70 -12.58
CA GLY B 228 19.45 -18.38 -12.79
C GLY B 228 20.19 -17.34 -11.98
N MET B 229 19.70 -16.11 -12.01
CA MET B 229 20.36 -14.97 -11.38
C MET B 229 19.28 -13.95 -11.03
N ALA B 230 19.63 -12.88 -10.33
CA ALA B 230 18.60 -11.90 -9.95
C ALA B 230 19.11 -10.48 -10.28
N PHE B 231 18.18 -9.55 -10.48
CA PHE B 231 18.45 -8.13 -10.44
C PHE B 231 17.58 -7.49 -9.38
N ARG B 232 18.21 -6.88 -8.40
CA ARG B 232 17.51 -6.17 -7.35
C ARG B 232 17.28 -4.76 -7.82
N VAL B 233 16.03 -4.30 -7.73
CA VAL B 233 15.65 -2.98 -8.19
C VAL B 233 14.90 -2.23 -7.08
N PRO B 234 14.67 -0.91 -7.26
CA PRO B 234 14.24 -0.06 -6.13
C PRO B 234 12.80 -0.22 -5.62
N THR B 235 11.99 -1.13 -6.13
CA THR B 235 10.63 -1.26 -5.57
C THR B 235 10.74 -1.92 -4.17
N VAL B 236 9.77 -1.69 -3.29
CA VAL B 236 9.95 -2.07 -1.89
C VAL B 236 9.49 -3.49 -1.60
N ASP B 237 8.65 -4.03 -2.49
CA ASP B 237 8.14 -5.39 -2.36
C ASP B 237 7.44 -5.80 -3.66
N VAL B 238 7.46 -7.10 -3.89
CA VAL B 238 6.89 -7.78 -5.08
C VAL B 238 7.97 -7.96 -6.12
N SER B 239 8.07 -9.19 -6.60
CA SER B 239 9.18 -9.58 -7.48
C SER B 239 8.58 -10.36 -8.63
N VAL B 240 9.38 -10.67 -9.65
CA VAL B 240 8.83 -11.39 -10.77
C VAL B 240 9.90 -12.30 -11.37
N VAL B 241 9.49 -13.50 -11.72
CA VAL B 241 10.41 -14.49 -12.27
C VAL B 241 10.19 -14.46 -13.77
N ASP B 242 11.29 -14.51 -14.50
CA ASP B 242 11.30 -14.56 -15.93
C ASP B 242 12.07 -15.85 -16.31
N LEU B 243 11.33 -16.89 -16.67
CA LEU B 243 11.88 -18.24 -16.84
C LEU B 243 11.96 -18.58 -18.33
N THR B 244 13.16 -18.81 -18.84
CA THR B 244 13.34 -19.14 -20.26
C THR B 244 13.62 -20.63 -20.33
N VAL B 245 12.73 -21.40 -20.94
CA VAL B 245 12.89 -22.84 -20.90
C VAL B 245 12.97 -23.45 -22.27
N LYS B 246 13.80 -24.46 -22.38
CA LYS B 246 13.80 -25.38 -23.53
C LYS B 246 12.89 -26.55 -23.18
N LEU B 247 11.91 -26.83 -24.03
CA LEU B 247 10.90 -27.86 -23.73
C LEU B 247 11.24 -29.19 -24.45
N ASN B 248 10.77 -30.32 -23.91
CA ASN B 248 10.92 -31.61 -24.59
C ASN B 248 9.87 -31.80 -25.69
N LYS B 249 8.65 -31.30 -25.49
CA LYS B 249 7.57 -31.47 -26.46
C LYS B 249 7.18 -30.16 -27.11
N GLU B 250 6.96 -30.18 -28.40
CA GLU B 250 6.51 -29.00 -29.15
C GLU B 250 5.18 -28.54 -28.58
N THR B 251 5.03 -27.24 -28.38
CA THR B 251 3.77 -26.74 -27.86
C THR B 251 3.43 -25.36 -28.41
N THR B 252 2.23 -24.89 -28.14
CA THR B 252 1.88 -23.54 -28.51
C THR B 252 1.70 -22.73 -27.20
N TYR B 253 1.75 -21.41 -27.30
CA TYR B 253 1.68 -20.61 -26.09
C TYR B 253 0.26 -20.71 -25.56
N ASP B 254 -0.72 -20.85 -26.44
CA ASP B 254 -2.09 -21.06 -25.95
C ASP B 254 -2.25 -22.40 -25.21
N GLU B 255 -1.56 -23.47 -25.63
CA GLU B 255 -1.64 -24.69 -24.85
C GLU B 255 -0.98 -24.50 -23.47
N ILE B 256 0.10 -23.71 -23.41
CA ILE B 256 0.75 -23.42 -22.13
C ILE B 256 -0.25 -22.68 -21.25
N LYS B 257 -0.89 -21.66 -21.80
CA LYS B 257 -1.84 -20.90 -21.00
C LYS B 257 -2.96 -21.82 -20.47
N LYS B 258 -3.50 -22.65 -21.33
CA LYS B 258 -4.59 -23.55 -20.94
C LYS B 258 -4.18 -24.45 -19.74
N VAL B 259 -2.97 -25.00 -19.79
CA VAL B 259 -2.49 -25.92 -18.75
C VAL B 259 -2.23 -25.18 -17.40
N VAL B 260 -1.60 -24.03 -17.46
CA VAL B 260 -1.34 -23.29 -16.23
C VAL B 260 -2.65 -22.83 -15.61
N LYS B 261 -3.56 -22.31 -16.42
CA LYS B 261 -4.85 -21.89 -15.88
C LYS B 261 -5.64 -23.06 -15.19
N ALA B 262 -5.69 -24.22 -15.84
CA ALA B 262 -6.33 -25.41 -15.27
C ALA B 262 -5.69 -25.77 -13.95
N ALA B 263 -4.36 -25.70 -13.87
CA ALA B 263 -3.68 -25.95 -12.61
C ALA B 263 -4.01 -24.91 -11.55
N ALA B 264 -4.04 -23.63 -11.94
CA ALA B 264 -4.34 -22.55 -10.99
C ALA B 264 -5.76 -22.66 -10.49
N GLU B 265 -6.66 -23.12 -11.34
CA GLU B 265 -8.05 -23.23 -10.96
C GLU B 265 -8.31 -24.55 -10.27
N GLY B 266 -7.35 -25.47 -10.37
CA GLY B 266 -7.56 -26.82 -9.89
C GLY B 266 -6.67 -27.16 -8.72
N LYS B 267 -5.75 -28.09 -8.94
CA LYS B 267 -4.96 -28.64 -7.86
C LYS B 267 -4.04 -27.64 -7.19
N LEU B 268 -3.66 -26.57 -7.88
CA LEU B 268 -2.74 -25.60 -7.27
C LEU B 268 -3.46 -24.32 -6.84
N LYS B 269 -4.77 -24.36 -6.75
CA LYS B 269 -5.54 -23.18 -6.35
C LYS B 269 -5.03 -22.58 -5.05
N GLY B 270 -4.88 -21.26 -5.03
CA GLY B 270 -4.34 -20.56 -3.87
C GLY B 270 -2.80 -20.59 -3.77
N VAL B 271 -2.15 -21.49 -4.49
CA VAL B 271 -0.69 -21.49 -4.58
C VAL B 271 -0.22 -20.84 -5.90
N LEU B 272 -0.74 -21.33 -7.02
CA LEU B 272 -0.43 -20.75 -8.34
C LEU B 272 -1.68 -20.06 -8.87
N GLY B 273 -1.54 -18.82 -9.31
CA GLY B 273 -2.66 -18.03 -9.76
C GLY B 273 -2.37 -17.77 -11.23
N TYR B 274 -3.34 -17.19 -11.90
CA TYR B 274 -3.27 -17.00 -13.34
C TYR B 274 -3.96 -15.71 -13.68
N THR B 275 -3.32 -14.87 -14.49
CA THR B 275 -4.00 -13.67 -14.96
C THR B 275 -3.68 -13.35 -16.41
N GLU B 276 -4.60 -12.67 -17.09
CA GLU B 276 -4.35 -12.12 -18.40
C GLU B 276 -4.43 -10.58 -18.37
N ASP B 277 -4.62 -10.01 -17.20
CA ASP B 277 -4.82 -8.56 -17.13
C ASP B 277 -3.50 -7.77 -17.25
N ALA B 278 -3.60 -6.46 -17.48
CA ALA B 278 -2.40 -5.64 -17.68
C ALA B 278 -1.79 -5.27 -16.29
N VAL B 279 -1.28 -6.26 -15.57
CA VAL B 279 -0.84 -6.04 -14.19
C VAL B 279 0.55 -5.45 -14.10
N VAL B 280 0.85 -4.82 -12.96
CA VAL B 280 2.20 -4.38 -12.66
C VAL B 280 2.48 -4.81 -11.22
N SER B 281 3.70 -4.61 -10.73
CA SER B 281 4.07 -5.27 -9.47
C SER B 281 3.14 -4.89 -8.30
N SER B 282 2.77 -3.61 -8.19
CA SER B 282 1.99 -3.17 -7.03
C SER B 282 0.60 -3.88 -6.97
N ASP B 283 0.13 -4.43 -8.09
CA ASP B 283 -1.14 -5.18 -8.08
C ASP B 283 -1.06 -6.49 -7.28
N PHE B 284 0.13 -6.91 -6.86
CA PHE B 284 0.24 -8.13 -6.03
C PHE B 284 0.67 -7.87 -4.60
N LEU B 285 0.73 -6.61 -4.21
CA LEU B 285 0.98 -6.29 -2.82
C LEU B 285 -0.09 -6.97 -1.96
N GLY B 286 0.35 -7.80 -1.03
CA GLY B 286 -0.58 -8.48 -0.14
C GLY B 286 -1.18 -9.74 -0.73
N ASP B 287 -0.77 -10.12 -1.94
CA ASP B 287 -1.32 -11.33 -2.56
C ASP B 287 -0.74 -12.59 -1.90
N SER B 288 -1.58 -13.56 -1.63
CA SER B 288 -1.14 -14.71 -0.83
C SER B 288 -0.71 -15.91 -1.70
N HIS B 289 -0.77 -15.78 -3.02
CA HIS B 289 -0.22 -16.83 -3.92
C HIS B 289 1.28 -16.87 -3.88
N SER B 290 1.85 -18.06 -4.10
CA SER B 290 3.27 -18.21 -4.32
C SER B 290 3.75 -17.70 -5.67
N SER B 291 2.88 -17.74 -6.66
CA SER B 291 3.29 -17.56 -8.05
C SER B 291 2.04 -17.15 -8.84
N ILE B 292 2.09 -15.99 -9.48
CA ILE B 292 0.95 -15.60 -10.32
C ILE B 292 1.42 -15.48 -11.75
N PHE B 293 1.03 -16.44 -12.55
CA PHE B 293 1.43 -16.51 -13.95
C PHE B 293 0.83 -15.36 -14.75
N ASP B 294 1.67 -14.66 -15.49
CA ASP B 294 1.30 -13.41 -16.18
C ASP B 294 1.17 -13.80 -17.64
N ALA B 295 -0.03 -14.16 -18.08
CA ALA B 295 -0.16 -14.79 -19.40
C ALA B 295 0.20 -13.82 -20.52
N SER B 296 -0.16 -12.56 -20.38
CA SER B 296 0.09 -11.61 -21.43
C SER B 296 1.53 -11.15 -21.55
N ALA B 297 2.36 -11.37 -20.53
CA ALA B 297 3.76 -10.93 -20.60
C ALA B 297 4.72 -11.95 -21.23
N GLY B 298 4.30 -13.21 -21.24
CA GLY B 298 5.13 -14.31 -21.70
C GLY B 298 5.29 -14.30 -23.22
N ILE B 299 6.31 -14.97 -23.73
CA ILE B 299 6.53 -14.93 -25.16
C ILE B 299 7.22 -16.17 -25.63
N GLN B 300 6.70 -16.70 -26.72
CA GLN B 300 7.18 -17.96 -27.26
C GLN B 300 7.91 -17.67 -28.57
N LEU B 301 9.16 -18.12 -28.67
CA LEU B 301 9.92 -17.91 -29.89
C LEU B 301 9.72 -19.09 -30.84
N SER B 302 9.76 -20.30 -30.31
CA SER B 302 9.53 -21.44 -31.18
C SER B 302 8.82 -22.52 -30.40
N PRO B 303 8.46 -23.64 -31.06
CA PRO B 303 7.62 -24.62 -30.39
C PRO B 303 8.20 -25.22 -29.11
N LYS B 304 9.53 -25.23 -28.95
CA LYS B 304 10.11 -25.73 -27.72
C LYS B 304 10.96 -24.68 -26.99
N PHE B 305 10.72 -23.39 -27.22
CA PHE B 305 11.57 -22.38 -26.57
C PHE B 305 10.70 -21.19 -26.19
N VAL B 306 10.50 -20.96 -24.89
CA VAL B 306 9.52 -19.99 -24.45
C VAL B 306 9.96 -19.24 -23.18
N LYS B 307 9.52 -17.99 -23.03
CA LYS B 307 9.79 -17.19 -21.81
C LYS B 307 8.47 -17.04 -21.07
N LEU B 308 8.46 -17.50 -19.83
CA LEU B 308 7.28 -17.47 -18.98
C LEU B 308 7.54 -16.49 -17.82
N VAL B 309 6.49 -15.79 -17.41
CA VAL B 309 6.62 -14.72 -16.43
C VAL B 309 5.67 -14.98 -15.26
N SER B 310 6.14 -14.90 -14.02
CA SER B 310 5.25 -15.10 -12.90
C SER B 310 5.61 -14.16 -11.77
N TRP B 311 4.60 -13.55 -11.13
CA TRP B 311 4.75 -12.57 -10.07
C TRP B 311 4.71 -13.24 -8.71
N TYR B 312 5.30 -12.59 -7.69
CA TYR B 312 5.18 -13.06 -6.31
C TYR B 312 5.42 -11.91 -5.35
N ASP B 313 4.55 -11.77 -4.37
CA ASP B 313 4.80 -10.87 -3.25
C ASP B 313 5.81 -11.63 -2.39
N ASN B 314 7.09 -11.26 -2.52
CA ASN B 314 8.17 -12.03 -1.90
C ASN B 314 8.04 -12.01 -0.39
N GLU B 315 7.36 -11.02 0.20
CA GLU B 315 7.12 -11.09 1.66
C GLU B 315 5.85 -11.91 2.02
N TYR B 316 4.73 -11.54 1.40
CA TYR B 316 3.41 -12.00 1.82
C TYR B 316 3.08 -13.41 1.33
N GLY B 317 3.38 -13.70 0.08
CA GLY B 317 3.15 -15.04 -0.45
C GLY B 317 3.91 -16.05 0.40
N TYR B 318 5.19 -15.78 0.56
CA TYR B 318 6.06 -16.69 1.30
C TYR B 318 5.66 -16.84 2.79
N SER B 319 5.30 -15.74 3.45
CA SER B 319 4.91 -15.81 4.85
C SER B 319 3.64 -16.64 4.96
N THR B 320 2.77 -16.51 3.96
CA THR B 320 1.55 -17.31 3.93
C THR B 320 1.88 -18.80 3.81
N ARG B 321 2.82 -19.15 2.94
CA ARG B 321 3.25 -20.55 2.81
C ARG B 321 3.91 -21.09 4.10
N VAL B 322 4.64 -20.26 4.83
CA VAL B 322 5.21 -20.72 6.10
C VAL B 322 4.07 -21.21 7.01
N VAL B 323 3.03 -20.41 7.12
CA VAL B 323 1.91 -20.80 7.98
C VAL B 323 1.17 -22.03 7.39
N ASP B 324 1.00 -22.09 6.08
CA ASP B 324 0.48 -23.30 5.46
C ASP B 324 1.29 -24.56 5.80
N LEU B 325 2.63 -24.46 5.76
CA LEU B 325 3.50 -25.61 6.02
C LEU B 325 3.42 -25.99 7.51
N VAL B 326 3.40 -24.98 8.41
CA VAL B 326 3.16 -25.22 9.83
C VAL B 326 1.89 -26.07 10.03
N GLU B 327 0.77 -25.64 9.46
CA GLU B 327 -0.48 -26.40 9.61
C GLU B 327 -0.44 -27.79 8.95
N HIS B 328 0.30 -27.93 7.87
CA HIS B 328 0.32 -29.20 7.18
C HIS B 328 1.09 -30.21 8.03
N VAL B 329 2.17 -29.73 8.63
CA VAL B 329 3.05 -30.51 9.45
C VAL B 329 2.34 -30.89 10.76
N ALA B 330 1.31 -30.14 11.12
CA ALA B 330 0.54 -30.42 12.33
C ALA B 330 -0.63 -31.39 12.07
N LYS B 331 -1.16 -31.37 10.85
CA LYS B 331 -2.27 -32.24 10.46
C LYS B 331 -1.78 -33.59 9.94
N ALA B 332 -0.52 -33.63 9.54
CA ALA B 332 0.05 -34.84 8.94
C ALA B 332 0.11 -35.96 9.97
#